data_8YOY
#
_entry.id   8YOY
#
_cell.length_a   1.00
_cell.length_b   1.00
_cell.length_c   1.00
_cell.angle_alpha   90.00
_cell.angle_beta   90.00
_cell.angle_gamma   90.00
#
_symmetry.space_group_name_H-M   'P 1'
#
loop_
_entity.id
_entity.type
_entity.pdbx_description
1 polymer 'Spike protein S1'
2 polymer 'Transmembrane protease serine 2'
#
loop_
_entity_poly.entity_id
_entity_poly.type
_entity_poly.pdbx_seq_one_letter_code
_entity_poly.pdbx_strand_id
1 'polypeptide(L)'
;SGFTVKPVATVHRRIPDLPDCDIDKWLNNFNVPSPLNWERKIFSNCNFNLSTLLRLVHTDSFSCNNFDESKIYGSCFKSI
VLDKFAIPNSRRSDLQLGSSGFLQSSNYKIDTTSSSCQLYYSLPAINVTINNYNPSSWNRRYGFNNFNLSSHSVVYSRYC
FSVNNTFCPCAKPSFASSCKSHKPPSASCPIGTNYRSCESTTVLDHTDWCRCSCLPDPITAYDPRSCSQKKSLVGVGEHC
AGFGVDEEKCGVLDGSYNVSCLCSTDAFLGWSYDTCVSNNRCNIFSNFILNGINSGTTCSNDLLQPNTEVFTDVCVDYDL
YGITGQGIFKEVSAVYYNSWQNLLYDSNGNIIGFKDFVTNKTYNIFPCYAG
;
A
2 'polypeptide(L)'
;MGSKCSNSGIECDSSGTCINPSNWCDGVSHCPGGEDENRCVRLYGPNFILQVYSSQRKSWHPVCQDDWNENYGRAACRDM
GYKNNFYSSQGIVDDSGSTSFMKLNTSAGNVDIYKKLYHSDACSSKAVVSLRCIACGVNLNSSRQSRIVGGESALPGAWP
WQVSLHVQNVHVCGGSIITPEWIVTAAHCVEKPLNNPWHWTAFAGILRQSFMFYGAGYQVEKVISHPNYDSKTKNNDIAL
MKLQKPLTFNDLVKPVCLPNPGMMLQPEQLCWISGWGATEEKGKTSEVLNAAKVLLIETQRCNSRYVYDNLITPAMICAG
FLQGNVDSCQGDAGGPLVTSKNNIWWLIGDTSWGSGCAKAYRPGVYGNVMVFTDWIYRQMRADG
;
B
#
# COMPACT_ATOMS: atom_id res chain seq x y z
N PRO A 16 16.89 48.76 42.84
CA PRO A 16 16.73 49.57 44.05
C PRO A 16 16.19 48.77 45.23
N ASP A 17 17.09 48.34 46.11
CA ASP A 17 16.74 47.55 47.28
C ASP A 17 15.94 46.32 46.89
N LEU A 18 16.41 45.63 45.85
CA LEU A 18 15.71 44.49 45.30
C LEU A 18 16.73 43.58 44.65
N PRO A 19 16.69 42.28 44.90
CA PRO A 19 17.80 41.40 44.56
C PRO A 19 17.89 41.12 43.06
N ASP A 20 18.83 40.25 42.71
CA ASP A 20 19.14 39.89 41.33
C ASP A 20 18.26 38.74 40.86
N CYS A 21 18.16 38.62 39.53
CA CYS A 21 17.37 37.56 38.93
C CYS A 21 18.02 36.19 39.11
N ASP A 22 19.35 36.14 39.11
CA ASP A 22 20.10 34.88 39.15
C ASP A 22 19.71 33.97 37.98
N ILE A 23 19.62 34.57 36.80
CA ILE A 23 19.38 33.79 35.58
C ILE A 23 20.56 32.86 35.32
N ASP A 24 21.77 33.36 35.52
CA ASP A 24 22.96 32.56 35.24
C ASP A 24 23.02 31.31 36.10
N LYS A 25 22.51 31.38 37.33
CA LYS A 25 22.54 30.23 38.22
C LYS A 25 21.55 29.15 37.81
N TRP A 26 20.57 29.48 36.98
CA TRP A 26 19.57 28.50 36.56
C TRP A 26 19.98 27.77 35.29
N LEU A 27 20.66 28.46 34.37
CA LEU A 27 21.03 27.82 33.11
C LEU A 27 22.16 26.82 33.30
N ASN A 28 23.11 27.13 34.19
CA ASN A 28 24.25 26.26 34.41
C ASN A 28 23.96 25.15 35.42
N ASN A 29 22.70 24.97 35.80
CA ASN A 29 22.35 23.88 36.71
C ASN A 29 22.67 22.54 36.07
N PHE A 30 23.23 21.63 36.88
CA PHE A 30 23.66 20.34 36.36
C PHE A 30 22.49 19.45 35.95
N ASN A 31 21.28 19.78 36.39
CA ASN A 31 20.09 19.04 35.99
C ASN A 31 19.48 19.72 34.76
N VAL A 32 19.63 19.08 33.60
CA VAL A 32 19.17 19.62 32.32
C VAL A 32 18.13 18.67 31.77
N PRO A 33 16.93 19.13 31.45
CA PRO A 33 15.90 18.21 30.92
C PRO A 33 16.03 17.96 29.42
N SER A 34 15.10 17.20 28.88
CA SER A 34 15.05 16.84 27.47
C SER A 34 13.96 17.64 26.76
N PRO A 35 14.02 17.73 25.42
CA PRO A 35 12.94 18.39 24.69
C PRO A 35 11.58 17.75 24.87
N LEU A 36 11.53 16.47 25.25
CA LEU A 36 10.25 15.86 25.58
C LEU A 36 9.65 16.47 26.84
N ASN A 37 10.50 16.81 27.81
CA ASN A 37 10.08 17.35 29.10
C ASN A 37 10.79 18.66 29.38
N TRP A 38 10.78 19.56 28.41
CA TRP A 38 11.49 20.83 28.54
C TRP A 38 10.91 21.65 29.69
N GLU A 39 11.79 22.17 30.53
CA GLU A 39 11.39 22.97 31.68
C GLU A 39 11.17 24.42 31.26
N ARG A 40 10.54 25.18 32.15
CA ARG A 40 10.25 26.58 31.90
C ARG A 40 10.14 27.31 33.23
N LYS A 41 10.93 28.36 33.40
CA LYS A 41 10.91 29.19 34.60
C LYS A 41 10.56 30.63 34.23
N ILE A 42 9.85 31.30 35.13
CA ILE A 42 9.39 32.66 34.92
C ILE A 42 10.17 33.58 35.84
N PHE A 43 10.78 34.61 35.26
CA PHE A 43 11.56 35.59 36.00
C PHE A 43 10.77 36.90 36.08
N SER A 44 10.69 37.47 37.28
CA SER A 44 9.94 38.69 37.49
C SER A 44 10.60 39.51 38.59
N ASN A 45 10.23 40.79 38.63
CA ASN A 45 10.61 41.79 39.63
C ASN A 45 12.03 41.58 40.19
N CYS A 46 13.00 41.43 39.29
CA CYS A 46 14.38 41.21 39.69
C CYS A 46 15.31 41.90 38.72
N ASN A 47 16.56 42.09 39.16
CA ASN A 47 17.59 42.70 38.34
C ASN A 47 18.38 41.63 37.59
N PHE A 48 18.68 41.90 36.32
CA PHE A 48 19.39 40.96 35.48
C PHE A 48 20.46 41.69 34.68
N ASN A 49 21.47 40.93 34.26
CA ASN A 49 22.58 41.48 33.48
C ASN A 49 22.90 40.49 32.37
N LEU A 50 22.69 40.90 31.11
CA LEU A 50 23.01 40.04 29.99
C LEU A 50 24.50 39.94 29.76
N SER A 51 25.27 40.99 30.07
CA SER A 51 26.71 40.92 29.92
C SER A 51 27.33 39.94 30.91
N THR A 52 26.88 39.99 32.16
CA THR A 52 27.33 39.02 33.16
C THR A 52 26.93 37.61 32.76
N LEU A 53 25.72 37.45 32.22
CA LEU A 53 25.29 36.15 31.71
C LEU A 53 26.18 35.69 30.56
N LEU A 54 26.56 36.60 29.67
CA LEU A 54 27.39 36.26 28.53
C LEU A 54 28.77 35.81 28.96
N ARG A 55 29.35 36.45 29.97
CA ARG A 55 30.70 36.07 30.40
C ARG A 55 30.72 34.90 31.37
N LEU A 56 29.65 34.70 32.13
CA LEU A 56 29.66 33.63 33.13
C LEU A 56 29.46 32.26 32.48
N VAL A 57 28.63 32.20 31.45
CA VAL A 57 28.32 30.95 30.76
C VAL A 57 28.84 31.04 29.33
N HIS A 58 29.46 29.96 28.86
CA HIS A 58 30.02 29.92 27.52
C HIS A 58 28.88 29.84 26.51
N THR A 59 28.54 30.98 25.92
CA THR A 59 27.45 31.06 24.96
C THR A 59 27.98 30.97 23.54
N ASP A 60 27.42 30.04 22.76
CA ASP A 60 27.86 29.85 21.39
C ASP A 60 27.29 30.91 20.47
N SER A 61 25.96 30.99 20.37
CA SER A 61 25.30 31.94 19.49
C SER A 61 24.20 32.65 20.25
N PHE A 62 23.89 33.86 19.79
CA PHE A 62 22.85 34.68 20.42
C PHE A 62 22.18 35.49 19.32
N SER A 63 20.98 35.08 18.93
CA SER A 63 20.23 35.75 17.87
C SER A 63 18.83 36.06 18.37
N CYS A 64 18.35 37.25 18.05
CA CYS A 64 17.02 37.70 18.44
C CYS A 64 16.14 37.84 17.22
N ASN A 65 14.88 37.41 17.34
CA ASN A 65 13.93 37.44 16.26
C ASN A 65 12.99 38.63 16.44
N ASN A 66 12.96 39.52 15.45
CA ASN A 66 12.13 40.72 15.47
C ASN A 66 12.39 41.56 16.72
N PHE A 67 13.65 41.68 17.10
CA PHE A 67 14.04 42.48 18.25
C PHE A 67 15.47 42.95 18.08
N ASP A 68 15.83 43.97 18.85
CA ASP A 68 17.15 44.58 18.79
C ASP A 68 17.99 44.12 19.97
N GLU A 69 19.19 43.60 19.68
CA GLU A 69 20.08 43.15 20.74
C GLU A 69 20.57 44.32 21.58
N SER A 70 20.87 45.45 20.95
CA SER A 70 21.38 46.60 21.68
C SER A 70 20.36 47.20 22.62
N LYS A 71 19.07 47.05 22.33
CA LYS A 71 18.01 47.60 23.18
C LYS A 71 17.68 46.69 24.35
N ILE A 72 18.25 45.48 24.40
CA ILE A 72 18.08 44.63 25.57
C ILE A 72 18.80 45.21 26.77
N TYR A 73 19.96 45.81 26.54
CA TYR A 73 20.78 46.32 27.63
C TYR A 73 20.10 47.51 28.30
N GLY A 74 19.98 47.44 29.63
CA GLY A 74 19.39 48.52 30.38
C GLY A 74 17.93 48.79 30.08
N SER A 75 17.14 47.74 29.81
CA SER A 75 15.74 47.88 29.48
C SER A 75 14.89 47.16 30.53
N CYS A 76 13.72 47.72 30.80
CA CYS A 76 12.78 47.15 31.75
C CYS A 76 11.72 46.33 31.02
N PHE A 77 11.29 45.25 31.66
CA PHE A 77 10.32 44.33 31.08
C PHE A 77 9.24 44.02 32.11
N LYS A 78 8.24 43.28 31.69
CA LYS A 78 7.19 42.78 32.58
C LYS A 78 7.57 41.42 33.15
N SER A 79 7.84 40.46 32.28
CA SER A 79 8.30 39.15 32.70
C SER A 79 9.13 38.53 31.57
N ILE A 80 10.07 37.68 31.94
CA ILE A 80 10.96 37.01 31.01
C ILE A 80 10.70 35.51 31.10
N VAL A 81 10.32 34.91 29.98
CA VAL A 81 9.99 33.49 29.92
C VAL A 81 11.19 32.76 29.34
N LEU A 82 11.60 31.68 30.01
CA LEU A 82 12.79 30.93 29.64
C LEU A 82 12.45 29.46 29.44
N ASP A 83 13.19 28.82 28.54
CA ASP A 83 13.11 27.39 28.30
C ASP A 83 14.52 26.83 28.21
N LYS A 84 14.66 25.55 28.54
CA LYS A 84 15.96 24.91 28.42
C LYS A 84 15.78 23.40 28.25
N PHE A 85 16.62 22.83 27.38
CA PHE A 85 16.67 21.40 27.15
C PHE A 85 17.93 21.09 26.35
N ALA A 86 18.63 20.04 26.75
CA ALA A 86 19.83 19.65 26.03
C ALA A 86 19.48 19.20 24.61
N ILE A 87 20.32 19.61 23.66
CA ILE A 87 19.99 19.44 22.25
C ILE A 87 20.68 18.20 21.70
N PRO A 88 19.99 17.40 20.89
CA PRO A 88 20.67 16.29 20.20
C PRO A 88 21.59 16.81 19.11
N ASN A 89 22.62 16.02 18.82
CA ASN A 89 23.55 16.38 17.75
C ASN A 89 22.97 16.15 16.36
N SER A 90 22.04 15.21 16.25
CA SER A 90 21.49 14.87 14.93
C SER A 90 20.54 15.93 14.42
N ARG A 91 19.71 16.48 15.31
CA ARG A 91 18.65 17.41 14.93
C ARG A 91 19.02 18.86 15.23
N ARG A 92 20.30 19.20 15.04
CA ARG A 92 20.70 20.60 15.13
C ARG A 92 20.03 21.44 14.05
N SER A 93 19.78 20.85 12.88
CA SER A 93 19.15 21.56 11.77
C SER A 93 17.67 21.83 11.99
N ASP A 94 17.07 21.26 13.04
CA ASP A 94 15.66 21.48 13.30
C ASP A 94 15.37 22.84 13.92
N LEU A 95 16.38 23.52 14.43
CA LEU A 95 16.17 24.75 15.20
C LEU A 95 16.00 25.98 14.33
N GLN A 96 16.11 25.84 13.01
CA GLN A 96 15.87 26.97 12.12
C GLN A 96 14.39 27.33 12.12
N LEU A 97 14.12 28.63 12.01
CA LEU A 97 12.75 29.12 12.06
C LEU A 97 11.95 28.63 10.86
N GLY A 98 10.73 28.16 11.13
CA GLY A 98 9.86 27.64 10.10
C GLY A 98 10.10 26.21 9.71
N SER A 99 10.90 25.47 10.47
CA SER A 99 11.21 24.10 10.12
C SER A 99 10.08 23.16 10.51
N SER A 100 10.20 21.90 10.08
CA SER A 100 9.23 20.86 10.38
C SER A 100 9.94 19.60 10.85
N GLY A 101 11.03 19.76 11.59
CA GLY A 101 11.78 18.63 12.10
C GLY A 101 11.06 17.94 13.24
N PHE A 102 11.71 16.89 13.74
CA PHE A 102 11.14 16.13 14.85
C PHE A 102 10.99 17.00 16.09
N LEU A 103 11.99 17.81 16.41
CA LEU A 103 11.93 18.66 17.59
C LEU A 103 10.85 19.74 17.47
N GLN A 104 10.69 20.34 16.30
CA GLN A 104 9.71 21.39 16.11
C GLN A 104 8.29 20.88 15.92
N SER A 105 8.13 19.70 15.33
CA SER A 105 6.81 19.15 15.09
C SER A 105 6.35 18.20 16.19
N SER A 106 7.21 17.84 17.14
CA SER A 106 6.78 16.94 18.20
C SER A 106 7.26 17.32 19.60
N ASN A 107 8.21 18.24 19.75
CA ASN A 107 8.78 18.53 21.05
C ASN A 107 8.59 19.97 21.48
N TYR A 108 8.94 20.94 20.62
CA TYR A 108 8.86 22.35 21.02
C TYR A 108 8.72 23.20 19.77
N LYS A 109 7.71 24.05 19.73
CA LYS A 109 7.49 25.00 18.65
C LYS A 109 7.83 26.39 19.14
N ILE A 110 8.65 27.11 18.39
CA ILE A 110 9.15 28.41 18.80
C ILE A 110 8.13 29.48 18.47
N ASP A 111 7.95 30.43 19.39
CA ASP A 111 7.02 31.54 19.20
C ASP A 111 7.67 32.55 18.26
N THR A 112 7.34 32.46 16.97
CA THR A 112 7.94 33.37 15.99
C THR A 112 7.34 34.76 16.05
N THR A 113 6.04 34.86 16.34
CA THR A 113 5.38 36.17 16.33
C THR A 113 5.94 37.10 17.40
N SER A 114 6.11 36.59 18.61
CA SER A 114 6.59 37.42 19.70
C SER A 114 8.08 37.72 19.54
N SER A 115 8.49 38.84 20.11
CA SER A 115 9.90 39.22 20.10
C SER A 115 10.68 38.26 20.98
N SER A 116 11.48 37.40 20.36
CA SER A 116 12.17 36.32 21.06
C SER A 116 13.63 36.29 20.66
N CYS A 117 14.46 35.79 21.58
CA CYS A 117 15.87 35.61 21.35
C CYS A 117 16.24 34.15 21.63
N GLN A 118 17.11 33.61 20.79
CA GLN A 118 17.53 32.22 20.89
C GLN A 118 18.94 32.17 21.45
N LEU A 119 19.12 31.37 22.51
CA LEU A 119 20.39 31.26 23.21
C LEU A 119 21.00 29.90 22.97
N TYR A 120 22.29 29.87 22.65
CA TYR A 120 23.05 28.65 22.47
C TYR A 120 24.16 28.64 23.52
N TYR A 121 23.98 27.87 24.57
CA TYR A 121 24.94 27.79 25.67
C TYR A 121 25.23 26.33 25.98
N SER A 122 26.37 26.10 26.63
CA SER A 122 26.85 24.75 26.86
C SER A 122 27.44 24.64 28.26
N LEU A 123 27.48 23.40 28.76
CA LEU A 123 28.06 23.06 30.05
C LEU A 123 29.03 21.90 29.88
N PRO A 124 30.04 21.80 30.76
CA PRO A 124 30.93 20.65 30.70
C PRO A 124 30.19 19.36 31.01
N ALA A 125 30.67 18.27 30.39
CA ALA A 125 30.04 16.97 30.55
C ALA A 125 30.45 16.25 31.83
N ILE A 126 31.43 16.78 32.57
CA ILE A 126 31.91 16.09 33.78
C ILE A 126 31.02 16.36 34.99
N ASN A 127 30.04 17.23 34.87
CA ASN A 127 29.17 17.57 36.00
C ASN A 127 27.68 17.56 35.68
N VAL A 128 27.29 17.68 34.43
CA VAL A 128 25.88 17.79 34.07
C VAL A 128 25.22 16.42 34.17
N THR A 129 23.98 16.40 34.65
CA THR A 129 23.18 15.19 34.76
C THR A 129 21.90 15.39 33.98
N ILE A 130 21.65 14.51 33.01
CA ILE A 130 20.49 14.63 32.14
C ILE A 130 19.26 14.03 32.82
N ASN A 131 18.11 14.63 32.59
CA ASN A 131 16.84 14.17 33.15
C ASN A 131 15.84 13.96 32.02
N ASN A 132 15.19 12.80 32.02
CA ASN A 132 14.18 12.46 31.03
C ASN A 132 12.87 12.17 31.74
N TYR A 133 11.78 12.74 31.23
CA TYR A 133 10.47 12.59 31.85
C TYR A 133 9.42 12.56 30.76
N ASN A 134 8.32 11.85 31.04
CA ASN A 134 7.22 11.73 30.11
C ASN A 134 6.08 12.63 30.54
N PRO A 135 5.77 13.69 29.80
CA PRO A 135 4.72 14.63 30.23
C PRO A 135 3.30 14.14 29.99
N SER A 136 3.10 13.14 29.13
CA SER A 136 1.76 12.67 28.84
C SER A 136 1.20 11.88 30.03
N SER A 137 -0.05 12.20 30.38
CA SER A 137 -0.68 11.54 31.52
C SER A 137 -1.01 10.08 31.21
N TRP A 138 -1.67 9.84 30.08
CA TRP A 138 -2.07 8.49 29.72
C TRP A 138 -0.89 7.62 29.33
N ASN A 139 0.25 8.20 28.98
CA ASN A 139 1.44 7.41 28.73
C ASN A 139 1.90 6.72 30.01
N ARG A 140 2.02 7.48 31.10
CA ARG A 140 2.40 6.91 32.38
C ARG A 140 1.27 6.08 33.00
N ARG A 141 0.02 6.34 32.60
CA ARG A 141 -1.09 5.57 33.15
C ARG A 141 -1.03 4.11 32.72
N TYR A 142 -0.66 3.85 31.47
CA TYR A 142 -0.79 2.52 30.88
C TYR A 142 0.54 1.76 30.82
N GLY A 143 1.42 1.96 31.79
CA GLY A 143 2.59 1.11 31.88
C GLY A 143 3.94 1.79 31.96
N PHE A 144 4.07 2.97 31.37
CA PHE A 144 5.35 3.65 31.35
C PHE A 144 5.75 4.10 32.75
N ASN A 145 7.02 3.91 33.08
CA ASN A 145 7.56 4.32 34.37
C ASN A 145 8.62 5.41 34.23
N ASN A 146 9.67 5.16 33.45
CA ASN A 146 10.75 6.12 33.24
C ASN A 146 11.51 5.71 31.98
N PHE A 147 12.64 6.36 31.75
CA PHE A 147 13.49 6.08 30.60
C PHE A 147 14.76 5.38 31.07
N ASN A 148 14.96 4.14 30.62
CA ASN A 148 16.18 3.40 30.91
C ASN A 148 17.19 3.72 29.81
N LEU A 149 17.85 4.86 29.97
CA LEU A 149 18.77 5.38 28.97
C LEU A 149 20.17 5.49 29.55
N SER A 150 21.13 5.71 28.67
CA SER A 150 22.53 5.83 29.05
C SER A 150 22.82 7.21 29.62
N SER A 151 24.05 7.41 30.08
CA SER A 151 24.45 8.71 30.61
C SER A 151 24.61 9.71 29.48
N HIS A 152 24.25 10.96 29.76
CA HIS A 152 24.31 12.05 28.79
C HIS A 152 23.52 11.72 27.54
N SER A 153 22.34 11.13 27.73
CA SER A 153 21.46 10.76 26.63
C SER A 153 20.24 11.68 26.63
N VAL A 154 19.92 12.21 25.46
CA VAL A 154 18.80 13.14 25.29
C VAL A 154 17.69 12.40 24.55
N VAL A 155 16.51 12.36 25.14
CA VAL A 155 15.37 11.64 24.58
C VAL A 155 14.46 12.65 23.88
N TYR A 156 14.18 12.40 22.60
CA TYR A 156 13.30 13.25 21.82
C TYR A 156 12.25 12.39 21.13
N SER A 157 11.09 12.98 20.89
CA SER A 157 9.93 12.26 20.39
C SER A 157 9.80 12.43 18.87
N ARG A 158 9.61 11.32 18.17
CA ARG A 158 9.37 11.39 16.74
C ARG A 158 8.02 12.05 16.45
N TYR A 159 6.95 11.54 17.07
CA TYR A 159 5.61 12.04 16.87
C TYR A 159 4.86 11.98 18.19
N CYS A 160 3.67 12.59 18.20
CA CYS A 160 2.82 12.62 19.38
C CYS A 160 1.41 12.21 18.99
N PHE A 161 0.77 11.43 19.85
CA PHE A 161 -0.58 10.94 19.63
C PHE A 161 -1.47 11.39 20.78
N SER A 162 -2.60 12.00 20.43
CA SER A 162 -3.51 12.57 21.41
C SER A 162 -4.74 11.67 21.54
N VAL A 163 -5.00 11.20 22.76
CA VAL A 163 -6.16 10.38 23.06
C VAL A 163 -6.97 11.04 24.16
N ASN A 164 -8.23 10.65 24.25
CA ASN A 164 -9.13 11.21 25.25
C ASN A 164 -9.09 10.35 26.52
N ASN A 165 -9.98 10.66 27.46
CA ASN A 165 -9.95 10.01 28.76
C ASN A 165 -10.52 8.60 28.75
N THR A 166 -11.22 8.21 27.71
CA THR A 166 -11.92 6.93 27.64
C THR A 166 -11.26 5.99 26.63
N PHE A 167 -9.94 5.99 26.58
CA PHE A 167 -9.19 5.17 25.64
C PHE A 167 -8.49 4.03 26.37
N CYS A 168 -8.65 2.82 25.85
CA CYS A 168 -8.00 1.64 26.37
C CYS A 168 -7.14 1.00 25.29
N PRO A 169 -5.92 0.57 25.62
CA PRO A 169 -5.13 -0.27 24.71
C PRO A 169 -5.32 -1.77 24.91
N CYS A 170 -6.26 -2.19 25.74
CA CYS A 170 -6.52 -3.60 26.02
C CYS A 170 -7.95 -3.95 25.64
N ALA A 171 -8.11 -5.10 25.01
CA ALA A 171 -9.43 -5.54 24.56
C ALA A 171 -10.19 -6.22 25.69
N LYS A 172 -11.44 -6.55 25.42
CA LYS A 172 -12.29 -7.21 26.40
C LYS A 172 -11.93 -8.68 26.51
N PRO A 173 -11.66 -9.20 27.71
CA PRO A 173 -11.34 -10.63 27.84
C PRO A 173 -12.45 -11.55 27.39
N SER A 174 -13.71 -11.16 27.59
CA SER A 174 -14.82 -11.98 27.14
C SER A 174 -14.84 -12.13 25.63
N PHE A 175 -14.52 -11.06 24.90
CA PHE A 175 -14.43 -11.15 23.45
C PHE A 175 -13.26 -12.04 23.02
N ALA A 176 -12.12 -11.91 23.69
CA ALA A 176 -10.92 -12.67 23.33
C ALA A 176 -11.01 -14.13 23.73
N SER A 177 -11.95 -14.51 24.59
CA SER A 177 -12.08 -15.91 24.95
C SER A 177 -12.51 -16.79 23.78
N SER A 178 -13.12 -16.22 22.75
CA SER A 178 -13.61 -16.97 21.61
C SER A 178 -12.81 -16.70 20.34
N CYS A 179 -11.62 -16.12 20.46
CA CYS A 179 -10.77 -15.82 19.30
C CYS A 179 -9.74 -16.94 19.17
N LYS A 180 -10.04 -17.94 18.33
CA LYS A 180 -9.10 -19.01 18.10
C LYS A 180 -7.83 -18.51 17.42
N SER A 181 -7.97 -17.60 16.45
CA SER A 181 -6.85 -17.09 15.69
C SER A 181 -6.62 -15.62 16.01
N HIS A 182 -5.37 -15.25 16.21
CA HIS A 182 -4.95 -13.87 16.44
C HIS A 182 -5.69 -13.25 17.64
N LYS A 183 -5.71 -13.99 18.74
CA LYS A 183 -6.31 -13.46 19.95
C LYS A 183 -5.38 -12.44 20.58
N PRO A 184 -5.81 -11.18 20.72
CA PRO A 184 -4.93 -10.16 21.29
C PRO A 184 -4.79 -10.33 22.79
N PRO A 185 -3.73 -9.81 23.38
CA PRO A 185 -3.65 -9.76 24.85
C PRO A 185 -4.78 -8.89 25.41
N SER A 186 -5.33 -9.33 26.53
CA SER A 186 -6.49 -8.66 27.10
C SER A 186 -6.31 -8.47 28.60
N ALA A 187 -6.97 -7.45 29.13
CA ALA A 187 -6.93 -7.12 30.54
C ALA A 187 -8.18 -6.32 30.87
N SER A 188 -8.19 -5.69 32.04
CA SER A 188 -9.34 -4.92 32.51
C SER A 188 -9.00 -3.44 32.54
N CYS A 189 -9.86 -2.63 31.93
CA CYS A 189 -9.70 -1.20 31.98
C CYS A 189 -10.07 -0.67 33.35
N PRO A 190 -9.56 0.50 33.72
CA PRO A 190 -10.11 1.20 34.88
C PRO A 190 -11.56 1.58 34.64
N ILE A 191 -12.34 1.61 35.72
CA ILE A 191 -13.77 1.84 35.60
C ILE A 191 -14.04 3.23 35.04
N GLY A 192 -15.11 3.35 34.28
CA GLY A 192 -15.47 4.59 33.63
C GLY A 192 -14.91 4.77 32.24
N THR A 193 -14.02 3.89 31.80
CA THR A 193 -13.40 3.99 30.48
C THR A 193 -14.09 3.06 29.50
N ASN A 194 -13.85 3.32 28.22
CA ASN A 194 -14.43 2.53 27.14
C ASN A 194 -13.41 1.55 26.61
N TYR A 195 -13.87 0.33 26.31
CA TYR A 195 -12.98 -0.75 25.94
C TYR A 195 -12.44 -0.56 24.53
N ARG A 196 -11.45 -1.38 24.20
CA ARG A 196 -10.82 -1.31 22.88
C ARG A 196 -11.77 -1.81 21.81
N SER A 197 -11.71 -1.17 20.64
CA SER A 197 -12.60 -1.52 19.53
C SER A 197 -12.03 -2.73 18.79
N CYS A 198 -12.83 -3.79 18.70
CA CYS A 198 -12.43 -4.99 17.98
C CYS A 198 -13.66 -5.59 17.32
N GLU A 199 -13.42 -6.40 16.30
CA GLU A 199 -14.49 -7.08 15.59
C GLU A 199 -13.99 -8.44 15.12
N SER A 200 -14.93 -9.33 14.85
CA SER A 200 -14.61 -10.71 14.47
C SER A 200 -15.28 -11.06 13.16
N THR A 201 -14.55 -11.77 12.31
CA THR A 201 -15.07 -12.26 11.03
C THR A 201 -14.60 -13.69 10.84
N THR A 202 -14.77 -14.21 9.64
CA THR A 202 -14.28 -15.54 9.30
C THR A 202 -14.02 -15.61 7.79
N VAL A 203 -12.82 -16.06 7.43
CA VAL A 203 -12.43 -16.18 6.03
C VAL A 203 -11.65 -17.48 5.84
N LEU A 204 -12.16 -18.35 4.99
CA LEU A 204 -11.47 -19.57 4.55
C LEU A 204 -11.02 -20.43 5.73
N ASP A 205 -12.02 -20.96 6.44
CA ASP A 205 -11.85 -21.93 7.52
C ASP A 205 -11.14 -21.32 8.73
N HIS A 206 -11.08 -20.00 8.81
CA HIS A 206 -10.66 -19.31 10.03
C HIS A 206 -11.93 -18.86 10.74
N THR A 207 -12.59 -19.83 11.38
CA THR A 207 -13.92 -19.62 11.93
C THR A 207 -13.94 -18.56 13.03
N ASP A 208 -12.83 -18.33 13.71
CA ASP A 208 -12.79 -17.33 14.77
C ASP A 208 -11.75 -16.27 14.45
N TRP A 209 -11.74 -15.80 13.20
CA TRP A 209 -10.84 -14.74 12.78
C TRP A 209 -11.18 -13.44 13.52
N CYS A 210 -10.16 -12.82 14.12
CA CYS A 210 -10.35 -11.61 14.89
C CYS A 210 -9.31 -10.57 14.48
N ARG A 211 -9.76 -9.36 14.19
CA ARG A 211 -8.91 -8.24 13.86
C ARG A 211 -9.34 -7.02 14.66
N CYS A 212 -8.40 -6.10 14.89
CA CYS A 212 -8.66 -4.93 15.70
C CYS A 212 -8.00 -3.72 15.06
N SER A 213 -8.48 -2.54 15.44
CA SER A 213 -7.97 -1.29 14.89
C SER A 213 -6.57 -1.01 15.41
N CYS A 214 -5.82 -0.22 14.64
CA CYS A 214 -4.44 0.13 14.94
C CYS A 214 -3.60 -1.12 15.16
N LEU A 215 -3.84 -2.13 14.32
CA LEU A 215 -3.15 -3.42 14.46
C LEU A 215 -1.63 -3.29 14.39
N PRO A 216 -1.04 -2.61 13.40
CA PRO A 216 0.41 -2.38 13.43
C PRO A 216 0.73 -1.15 14.25
N ASP A 217 1.97 -0.67 14.18
CA ASP A 217 2.34 0.56 14.85
C ASP A 217 1.38 1.68 14.43
N PRO A 218 0.97 2.55 15.35
CA PRO A 218 -0.02 3.58 15.00
C PRO A 218 0.46 4.53 13.92
N ILE A 219 1.76 4.74 13.77
CA ILE A 219 2.26 5.48 12.62
C ILE A 219 2.02 4.69 11.34
N THR A 220 2.27 3.38 11.38
CA THR A 220 2.01 2.51 10.24
C THR A 220 0.54 2.13 10.12
N ALA A 221 -0.31 2.62 11.01
CA ALA A 221 -1.74 2.34 10.92
C ALA A 221 -2.31 2.94 9.64
N TYR A 222 -2.88 2.09 8.80
CA TYR A 222 -3.35 2.55 7.49
C TYR A 222 -4.64 3.35 7.62
N ASP A 223 -5.56 2.89 8.46
CA ASP A 223 -6.84 3.59 8.63
C ASP A 223 -6.81 4.40 9.91
N PRO A 224 -6.74 5.73 9.84
CA PRO A 224 -6.67 6.52 11.06
C PRO A 224 -8.03 6.80 11.68
N ARG A 225 -9.07 6.82 10.86
CA ARG A 225 -10.40 7.14 11.36
C ARG A 225 -10.88 6.09 12.36
N SER A 226 -10.65 4.81 12.06
CA SER A 226 -11.00 3.75 13.00
C SER A 226 -9.97 3.60 14.11
N CYS A 227 -8.78 4.18 13.95
CA CYS A 227 -7.77 4.14 15.00
C CYS A 227 -8.12 5.12 16.11
N SER A 228 -8.02 4.65 17.35
CA SER A 228 -8.33 5.52 18.48
C SER A 228 -7.26 6.59 18.67
N GLN A 229 -6.01 6.28 18.33
CA GLN A 229 -4.93 7.24 18.50
C GLN A 229 -4.87 8.18 17.31
N LYS A 230 -4.88 9.48 17.59
CA LYS A 230 -4.85 10.51 16.56
C LYS A 230 -3.55 11.29 16.67
N LYS A 231 -2.83 11.40 15.57
CA LYS A 231 -1.60 12.17 15.54
C LYS A 231 -1.90 13.65 15.68
N SER A 232 -0.96 14.38 16.30
CA SER A 232 -1.17 15.78 16.61
C SER A 232 0.14 16.54 16.44
N LEU A 233 0.01 17.85 16.27
CA LEU A 233 1.14 18.76 16.15
C LEU A 233 1.24 19.59 17.43
N VAL A 234 2.45 19.69 17.96
CA VAL A 234 2.65 20.44 19.20
C VAL A 234 2.52 21.93 18.92
N GLY A 235 1.92 22.65 19.86
CA GLY A 235 1.72 24.07 19.75
C GLY A 235 2.77 24.87 20.49
N VAL A 236 2.43 26.13 20.76
CA VAL A 236 3.34 27.04 21.47
C VAL A 236 3.01 26.96 22.95
N GLY A 237 3.88 26.29 23.71
CA GLY A 237 3.72 26.11 25.13
C GLY A 237 3.24 24.72 25.53
N GLU A 238 2.73 23.94 24.58
CA GLU A 238 2.28 22.59 24.88
C GLU A 238 3.44 21.60 24.80
N HIS A 239 3.15 20.37 25.20
CA HIS A 239 4.13 19.29 25.20
C HIS A 239 3.66 18.18 24.26
N CYS A 240 4.38 17.06 24.28
CA CYS A 240 4.01 15.92 23.46
C CYS A 240 2.72 15.29 23.99
N ALA A 241 1.86 14.87 23.06
CA ALA A 241 0.59 14.28 23.45
C ALA A 241 0.74 12.85 23.94
N GLY A 242 1.65 12.08 23.35
CA GLY A 242 1.83 10.70 23.77
C GLY A 242 2.78 9.97 22.85
N PHE A 243 2.89 8.66 23.08
CA PHE A 243 3.77 7.78 22.35
C PHE A 243 2.95 6.82 21.49
N GLY A 244 3.67 5.93 20.79
CA GLY A 244 2.99 4.93 19.97
C GLY A 244 2.17 3.95 20.80
N VAL A 245 2.80 3.36 21.81
CA VAL A 245 2.15 2.46 22.77
C VAL A 245 1.41 1.34 22.05
N ASP A 246 2.14 0.50 21.32
CA ASP A 246 1.53 -0.59 20.56
C ASP A 246 0.64 -1.43 21.45
N GLU A 247 -0.59 -1.65 21.00
CA GLU A 247 -1.60 -2.31 21.82
C GLU A 247 -1.51 -3.82 21.80
N GLU A 248 -0.95 -4.40 20.74
CA GLU A 248 -0.85 -5.86 20.67
C GLU A 248 0.17 -6.42 21.64
N LYS A 249 0.97 -5.58 22.28
CA LYS A 249 1.85 -6.00 23.36
C LYS A 249 1.34 -5.59 24.74
N CYS A 250 0.26 -4.82 24.81
CA CYS A 250 -0.29 -4.39 26.09
C CYS A 250 -1.02 -5.57 26.74
N GLY A 251 -0.56 -5.97 27.92
CA GLY A 251 -1.14 -7.10 28.61
C GLY A 251 -0.52 -8.42 28.18
N VAL A 252 -1.00 -9.48 28.82
CA VAL A 252 -0.51 -10.82 28.57
C VAL A 252 -1.58 -11.64 27.89
N LEU A 253 -1.16 -12.73 27.26
CA LEU A 253 -2.10 -13.62 26.59
C LEU A 253 -2.92 -14.39 27.61
N ASP A 254 -4.18 -14.67 27.24
CA ASP A 254 -5.12 -15.37 28.10
C ASP A 254 -5.27 -14.66 29.44
N GLY A 255 -5.35 -13.34 29.40
CA GLY A 255 -5.44 -12.54 30.60
C GLY A 255 -6.87 -12.35 31.05
N SER A 256 -7.13 -12.68 32.31
CA SER A 256 -8.46 -12.53 32.89
C SER A 256 -8.64 -11.10 33.40
N TYR A 257 -9.74 -10.85 34.10
CA TYR A 257 -10.01 -9.54 34.66
C TYR A 257 -9.15 -9.24 35.88
N ASN A 258 -8.46 -10.23 36.45
CA ASN A 258 -7.63 -10.01 37.62
C ASN A 258 -6.34 -9.29 37.28
N VAL A 259 -5.93 -9.29 36.03
CA VAL A 259 -4.75 -8.56 35.61
C VAL A 259 -5.16 -7.16 35.17
N SER A 260 -4.19 -6.26 35.15
CA SER A 260 -4.43 -4.86 34.82
C SER A 260 -3.92 -4.55 33.42
N CYS A 261 -4.54 -3.55 32.80
CA CYS A 261 -4.14 -3.15 31.45
C CYS A 261 -2.82 -2.38 31.50
N LEU A 262 -1.71 -3.09 31.33
CA LEU A 262 -0.39 -2.51 31.41
C LEU A 262 0.39 -2.86 30.16
N CYS A 263 1.04 -1.86 29.56
CA CYS A 263 1.86 -2.04 28.38
C CYS A 263 3.33 -2.08 28.76
N SER A 264 4.07 -2.99 28.13
CA SER A 264 5.48 -3.19 28.45
C SER A 264 6.32 -2.05 27.88
N THR A 265 7.61 -2.06 28.23
CA THR A 265 8.51 -0.99 27.80
C THR A 265 8.68 -0.95 26.30
N ASP A 266 8.79 -2.12 25.66
CA ASP A 266 8.99 -2.17 24.22
C ASP A 266 7.76 -1.79 23.42
N ALA A 267 6.60 -1.67 24.07
CA ALA A 267 5.38 -1.31 23.36
C ALA A 267 5.35 0.16 22.98
N PHE A 268 6.05 1.01 23.75
CA PHE A 268 6.06 2.44 23.50
C PHE A 268 6.99 2.76 22.35
N LEU A 269 6.47 3.40 21.31
CA LEU A 269 7.21 3.71 20.10
C LEU A 269 7.18 5.23 19.85
N GLY A 270 7.69 5.62 18.69
CA GLY A 270 7.74 7.01 18.30
C GLY A 270 8.70 7.87 19.10
N TRP A 271 9.84 7.33 19.46
CA TRP A 271 10.86 8.09 20.16
C TRP A 271 12.21 7.45 19.95
N SER A 272 13.26 8.28 20.05
CA SER A 272 14.63 7.82 19.94
C SER A 272 15.50 8.71 20.83
N TYR A 273 16.81 8.61 20.68
CA TYR A 273 17.71 9.37 21.53
C TYR A 273 19.02 9.66 20.79
N ASP A 274 19.71 10.68 21.26
CA ASP A 274 21.04 11.03 20.78
C ASP A 274 21.74 11.83 21.86
N THR A 275 23.07 11.82 21.83
CA THR A 275 23.85 12.51 22.82
C THR A 275 23.92 14.01 22.52
N CYS A 276 24.37 14.78 23.51
CA CYS A 276 24.48 16.22 23.39
C CYS A 276 25.91 16.73 23.49
N VAL A 277 26.90 15.83 23.50
CA VAL A 277 28.29 16.26 23.69
C VAL A 277 28.80 16.92 22.42
N SER A 278 29.65 17.93 22.60
CA SER A 278 30.30 18.61 21.49
C SER A 278 31.62 19.18 22.02
N ASN A 279 32.73 18.53 21.68
CA ASN A 279 34.06 18.88 22.19
C ASN A 279 34.04 18.88 23.73
N ASN A 280 33.81 17.69 24.27
CA ASN A 280 33.63 17.43 25.69
C ASN A 280 32.80 18.50 26.37
N ARG A 281 31.71 18.91 25.72
CA ARG A 281 30.85 19.95 26.27
C ARG A 281 29.42 19.71 25.79
N CYS A 282 28.52 19.49 26.73
CA CYS A 282 27.13 19.24 26.40
C CYS A 282 26.42 20.55 26.04
N ASN A 283 25.75 20.56 24.89
CA ASN A 283 25.09 21.76 24.39
C ASN A 283 23.61 21.74 24.76
N ILE A 284 23.12 22.88 25.24
CA ILE A 284 21.74 23.02 25.69
C ILE A 284 21.15 24.25 25.01
N PHE A 285 19.94 24.09 24.46
CA PHE A 285 19.25 25.19 23.80
C PHE A 285 18.38 25.94 24.80
N SER A 286 18.43 27.26 24.74
CA SER A 286 17.61 28.13 25.56
C SER A 286 16.89 29.14 24.69
N ASN A 287 15.62 29.39 25.00
CA ASN A 287 14.80 30.35 24.28
C ASN A 287 14.37 31.46 25.24
N PHE A 288 14.57 32.70 24.83
CA PHE A 288 14.22 33.86 25.63
C PHE A 288 12.98 34.51 25.06
N ILE A 289 11.98 34.76 25.90
CA ILE A 289 10.76 35.44 25.52
C ILE A 289 10.62 36.67 26.39
N LEU A 290 10.48 37.83 25.76
CA LEU A 290 10.43 39.12 26.45
C LEU A 290 9.03 39.69 26.33
N ASN A 291 8.47 40.13 27.45
CA ASN A 291 7.12 40.69 27.49
C ASN A 291 7.17 42.05 28.17
N GLY A 292 6.44 43.00 27.62
CA GLY A 292 6.30 44.32 28.22
C GLY A 292 7.54 45.18 28.13
N ILE A 293 7.99 45.46 26.91
CA ILE A 293 9.18 46.28 26.72
C ILE A 293 8.90 47.70 27.20
N ASN A 294 9.85 48.27 27.94
CA ASN A 294 9.72 49.60 28.53
C ASN A 294 8.52 49.65 29.46
N SER A 295 8.41 48.65 30.32
CA SER A 295 7.35 48.57 31.32
C SER A 295 7.82 47.67 32.44
N GLY A 296 6.98 47.53 33.47
CA GLY A 296 7.27 46.65 34.57
C GLY A 296 8.29 47.24 35.53
N THR A 297 8.73 46.38 36.46
CA THR A 297 9.68 46.78 37.48
C THR A 297 10.97 45.97 37.49
N THR A 298 11.04 44.87 36.72
CA THR A 298 12.27 44.08 36.64
C THR A 298 13.20 44.72 35.60
N CYS A 299 13.73 45.87 35.98
CA CYS A 299 14.60 46.65 35.11
C CYS A 299 15.99 46.03 35.04
N SER A 300 16.84 46.58 34.19
CA SER A 300 18.19 46.09 33.97
C SER A 300 19.18 47.19 34.32
N ASN A 301 20.30 46.79 34.92
CA ASN A 301 21.33 47.72 35.37
C ASN A 301 22.61 47.58 34.55
N ASP A 302 22.47 47.35 33.25
CA ASP A 302 23.62 47.36 32.36
C ASP A 302 24.12 48.76 32.05
N LEU A 303 23.33 49.79 32.36
CA LEU A 303 23.74 51.17 32.22
C LEU A 303 23.32 51.95 33.45
N LEU A 304 24.05 53.02 33.75
CA LEU A 304 23.76 53.85 34.90
C LEU A 304 22.49 54.66 34.66
N PRO B 21 -4.82 -31.46 -23.50
CA PRO B 21 -4.72 -30.15 -22.86
C PRO B 21 -3.56 -30.06 -21.88
N SER B 22 -3.68 -30.75 -20.73
CA SER B 22 -2.64 -30.72 -19.72
C SER B 22 -1.36 -31.39 -20.21
N ASN B 23 -1.43 -32.23 -21.23
CA ASN B 23 -0.24 -32.85 -21.80
C ASN B 23 0.58 -31.88 -22.64
N TRP B 24 0.08 -30.68 -22.88
CA TRP B 24 0.74 -29.71 -23.73
C TRP B 24 1.77 -28.92 -22.95
N CYS B 25 2.99 -28.81 -23.50
CA CYS B 25 4.07 -28.04 -22.91
C CYS B 25 4.38 -28.49 -21.48
N ASP B 26 4.83 -29.73 -21.37
CA ASP B 26 5.23 -30.28 -20.07
C ASP B 26 6.63 -30.89 -20.08
N GLY B 27 7.32 -30.88 -21.21
CA GLY B 27 8.65 -31.44 -21.31
C GLY B 27 8.69 -32.92 -21.60
N VAL B 28 7.54 -33.59 -21.69
CA VAL B 28 7.48 -35.01 -21.99
C VAL B 28 6.65 -35.19 -23.25
N SER B 29 7.18 -35.97 -24.19
CA SER B 29 6.48 -36.23 -25.44
C SER B 29 5.39 -37.28 -25.24
N HIS B 30 4.17 -36.94 -25.63
CA HIS B 30 3.03 -37.85 -25.50
C HIS B 30 2.71 -38.54 -26.81
N CYS B 31 2.42 -37.76 -27.86
CA CYS B 31 2.15 -38.34 -29.16
C CYS B 31 3.44 -38.86 -29.79
N PRO B 32 3.36 -39.90 -30.62
CA PRO B 32 4.57 -40.42 -31.26
C PRO B 32 5.30 -39.40 -32.12
N GLY B 33 4.58 -38.47 -32.74
CA GLY B 33 5.22 -37.47 -33.57
C GLY B 33 5.94 -36.38 -32.78
N GLY B 34 5.57 -36.19 -31.53
CA GLY B 34 6.21 -35.18 -30.71
C GLY B 34 5.79 -33.75 -31.01
N GLU B 35 4.55 -33.55 -31.45
CA GLU B 35 4.06 -32.20 -31.70
C GLU B 35 3.82 -31.42 -30.41
N ASP B 36 3.73 -32.11 -29.27
CA ASP B 36 3.46 -31.43 -28.01
C ASP B 36 4.59 -30.50 -27.62
N GLU B 37 5.84 -30.92 -27.81
CA GLU B 37 6.99 -30.11 -27.43
C GLU B 37 7.58 -29.30 -28.58
N ASN B 38 7.45 -29.78 -29.82
CA ASN B 38 7.99 -29.06 -30.96
C ASN B 38 7.16 -27.83 -31.31
N ARG B 39 5.89 -27.79 -30.91
CA ARG B 39 4.98 -26.71 -31.28
C ARG B 39 4.61 -25.83 -30.08
N CYS B 40 5.38 -25.88 -29.00
CA CYS B 40 5.12 -25.03 -27.86
C CYS B 40 5.46 -23.58 -28.23
N VAL B 41 4.44 -22.74 -28.28
CA VAL B 41 4.59 -21.35 -28.72
C VAL B 41 3.92 -20.44 -27.70
N ARG B 42 4.54 -19.28 -27.46
CA ARG B 42 3.96 -18.25 -26.63
C ARG B 42 4.56 -16.91 -27.02
N LEU B 43 3.88 -15.84 -26.63
CA LEU B 43 4.38 -14.49 -26.85
C LEU B 43 5.19 -14.04 -25.64
N TYR B 44 5.68 -12.81 -25.69
CA TYR B 44 6.53 -12.30 -24.63
C TYR B 44 6.50 -10.79 -24.65
N GLY B 45 6.58 -10.19 -23.47
CA GLY B 45 6.79 -8.77 -23.34
C GLY B 45 5.60 -7.93 -23.75
N PRO B 46 5.61 -6.66 -23.35
CA PRO B 46 4.55 -5.74 -23.79
C PRO B 46 4.56 -5.47 -25.28
N ASN B 47 5.68 -5.70 -25.96
CA ASN B 47 5.79 -5.48 -27.39
C ASN B 47 5.54 -6.75 -28.20
N PHE B 48 5.15 -7.84 -27.54
CA PHE B 48 4.68 -9.06 -28.19
C PHE B 48 5.78 -9.70 -29.04
N ILE B 49 6.91 -9.99 -28.41
CA ILE B 49 8.00 -10.68 -29.08
C ILE B 49 7.73 -12.18 -29.02
N LEU B 50 7.75 -12.84 -30.17
CA LEU B 50 7.42 -14.25 -30.24
C LEU B 50 8.55 -15.11 -29.70
N GLN B 51 8.17 -16.20 -29.02
CA GLN B 51 9.12 -17.18 -28.51
C GLN B 51 8.73 -18.57 -28.97
N VAL B 52 9.72 -19.43 -29.17
CA VAL B 52 9.52 -20.83 -29.52
C VAL B 52 10.35 -21.68 -28.58
N TYR B 53 9.72 -22.67 -27.96
CA TYR B 53 10.41 -23.55 -27.02
C TYR B 53 11.35 -24.48 -27.77
N SER B 54 12.61 -24.52 -27.33
CA SER B 54 13.61 -25.39 -27.93
C SER B 54 13.75 -26.66 -27.10
N SER B 55 13.43 -27.80 -27.71
CA SER B 55 13.49 -29.07 -26.99
C SER B 55 14.91 -29.52 -26.70
N GLN B 56 15.89 -29.05 -27.46
CA GLN B 56 17.26 -29.48 -27.25
C GLN B 56 17.89 -28.81 -26.04
N ARG B 57 17.50 -27.57 -25.72
CA ARG B 57 18.08 -26.84 -24.61
C ARG B 57 17.07 -26.52 -23.51
N LYS B 58 15.81 -26.92 -23.68
CA LYS B 58 14.78 -26.73 -22.66
C LYS B 58 14.64 -25.25 -22.27
N SER B 59 14.62 -24.38 -23.26
CA SER B 59 14.53 -22.96 -23.02
C SER B 59 13.74 -22.30 -24.14
N TRP B 60 13.24 -21.10 -23.87
CA TRP B 60 12.47 -20.33 -24.82
C TRP B 60 13.37 -19.32 -25.51
N HIS B 61 13.31 -19.26 -26.83
CA HIS B 61 14.14 -18.36 -27.62
C HIS B 61 13.30 -17.64 -28.65
N PRO B 62 13.61 -16.37 -28.94
CA PRO B 62 12.83 -15.61 -29.92
C PRO B 62 13.19 -16.00 -31.34
N VAL B 63 12.42 -15.46 -32.28
CA VAL B 63 12.52 -15.79 -33.69
C VAL B 63 13.06 -14.60 -34.46
N CYS B 64 13.70 -14.89 -35.60
CA CYS B 64 14.27 -13.86 -36.45
C CYS B 64 13.26 -13.36 -37.47
N GLN B 65 13.44 -12.11 -37.89
CA GLN B 65 12.62 -11.54 -38.96
C GLN B 65 13.07 -12.01 -40.33
N ASP B 66 14.25 -12.60 -40.43
CA ASP B 66 14.83 -12.92 -41.73
C ASP B 66 14.06 -14.05 -42.41
N ASP B 67 13.73 -13.85 -43.68
CA ASP B 67 13.10 -14.86 -44.53
C ASP B 67 11.81 -15.38 -43.92
N TRP B 68 10.95 -14.45 -43.50
CA TRP B 68 9.67 -14.78 -42.87
C TRP B 68 8.55 -14.06 -43.60
N ASN B 69 7.47 -14.79 -43.89
CA ASN B 69 6.29 -14.22 -44.52
C ASN B 69 5.06 -14.56 -43.69
N GLU B 70 3.97 -13.82 -43.94
CA GLU B 70 2.80 -13.85 -43.08
C GLU B 70 2.10 -15.20 -43.06
N ASN B 71 2.34 -16.04 -44.07
CA ASN B 71 1.74 -17.37 -44.07
C ASN B 71 2.21 -18.20 -42.88
N TYR B 72 3.45 -17.97 -42.43
CA TYR B 72 3.91 -18.63 -41.21
C TYR B 72 3.25 -18.05 -39.97
N GLY B 73 2.96 -16.75 -39.98
CA GLY B 73 2.21 -16.15 -38.89
C GLY B 73 0.82 -16.74 -38.74
N ARG B 74 0.21 -17.10 -39.87
CA ARG B 74 -1.07 -17.80 -39.81
C ARG B 74 -0.97 -19.08 -38.98
N ALA B 75 0.03 -19.92 -39.26
CA ALA B 75 0.21 -21.15 -38.52
C ALA B 75 0.60 -20.89 -37.07
N ALA B 76 1.40 -19.86 -36.81
CA ALA B 76 1.77 -19.55 -35.44
C ALA B 76 0.54 -19.18 -34.60
N CYS B 77 -0.30 -18.29 -35.13
CA CYS B 77 -1.51 -17.93 -34.39
C CYS B 77 -2.47 -19.11 -34.30
N ARG B 78 -2.48 -19.99 -35.31
CA ARG B 78 -3.34 -21.16 -35.24
C ARG B 78 -2.92 -22.10 -34.11
N ASP B 79 -1.61 -22.34 -33.97
CA ASP B 79 -1.12 -23.19 -32.89
C ASP B 79 -1.12 -22.48 -31.54
N MET B 80 -1.25 -21.16 -31.51
CA MET B 80 -1.35 -20.42 -30.26
C MET B 80 -2.79 -20.30 -29.76
N GLY B 81 -3.66 -21.20 -30.20
CA GLY B 81 -5.03 -21.18 -29.72
C GLY B 81 -5.84 -19.99 -30.17
N TYR B 82 -5.42 -19.31 -31.23
CA TYR B 82 -6.13 -18.16 -31.76
C TYR B 82 -6.73 -18.42 -33.14
N LYS B 83 -6.61 -19.66 -33.64
CA LYS B 83 -7.23 -20.10 -34.90
C LYS B 83 -6.74 -19.20 -36.02
N ASN B 84 -7.62 -18.71 -36.90
CA ASN B 84 -7.21 -17.94 -38.07
C ASN B 84 -7.06 -16.45 -37.80
N ASN B 85 -7.36 -16.00 -36.58
CA ASN B 85 -7.24 -14.59 -36.25
C ASN B 85 -5.79 -14.12 -36.39
N PHE B 86 -5.60 -12.99 -37.05
CA PHE B 86 -4.26 -12.45 -37.26
C PHE B 86 -4.39 -10.96 -37.54
N TYR B 87 -3.97 -10.13 -36.58
CA TYR B 87 -4.11 -8.68 -36.74
C TYR B 87 -2.96 -8.10 -37.55
N SER B 88 -1.73 -8.22 -37.05
CA SER B 88 -0.58 -7.62 -37.71
C SER B 88 0.69 -8.32 -37.21
N SER B 89 1.78 -8.07 -37.91
CA SER B 89 3.07 -8.65 -37.56
C SER B 89 4.18 -7.82 -38.18
N GLN B 90 5.11 -7.37 -37.35
CA GLN B 90 6.23 -6.56 -37.82
C GLN B 90 7.45 -6.88 -36.97
N GLY B 91 8.61 -6.46 -37.46
CA GLY B 91 9.88 -6.72 -36.80
C GLY B 91 10.28 -5.56 -35.91
N ILE B 92 10.78 -5.89 -34.72
CA ILE B 92 11.20 -4.90 -33.73
C ILE B 92 12.59 -5.27 -33.24
N VAL B 93 13.27 -4.28 -32.66
CA VAL B 93 14.61 -4.49 -32.12
C VAL B 93 14.51 -5.33 -30.86
N ASP B 94 15.43 -6.26 -30.70
CA ASP B 94 15.40 -7.19 -29.57
C ASP B 94 15.66 -6.46 -28.27
N ASP B 95 14.93 -6.85 -27.22
CA ASP B 95 15.04 -6.22 -25.92
C ASP B 95 15.17 -7.19 -24.76
N SER B 96 14.93 -8.49 -24.96
CA SER B 96 14.99 -9.45 -23.88
C SER B 96 16.41 -9.89 -23.55
N GLY B 97 17.39 -9.52 -24.37
CA GLY B 97 18.77 -9.90 -24.09
C GLY B 97 19.09 -11.35 -24.36
N SER B 98 18.30 -12.03 -25.16
CA SER B 98 18.56 -13.44 -25.46
C SER B 98 19.83 -13.58 -26.28
N THR B 99 20.55 -14.67 -26.01
CA THR B 99 21.79 -14.96 -26.71
C THR B 99 21.58 -15.72 -28.01
N SER B 100 20.44 -16.38 -28.16
CA SER B 100 20.15 -17.18 -29.34
C SER B 100 18.78 -16.81 -29.89
N PHE B 101 18.64 -16.93 -31.21
CA PHE B 101 17.39 -16.67 -31.90
C PHE B 101 17.10 -17.81 -32.86
N MET B 102 15.84 -18.17 -32.98
CA MET B 102 15.43 -19.15 -33.99
C MET B 102 15.54 -18.54 -35.38
N LYS B 103 16.04 -19.32 -36.32
CA LYS B 103 16.25 -18.86 -37.69
C LYS B 103 15.50 -19.75 -38.66
N LEU B 104 14.70 -19.13 -39.53
CA LEU B 104 13.96 -19.86 -40.54
C LEU B 104 14.84 -20.16 -41.75
N ASN B 105 14.40 -21.14 -42.54
CA ASN B 105 15.05 -21.48 -43.80
C ASN B 105 13.98 -21.73 -44.85
N THR B 106 14.24 -21.27 -46.07
CA THR B 106 13.33 -21.45 -47.20
C THR B 106 13.71 -22.61 -48.09
N SER B 107 14.84 -23.28 -47.80
CA SER B 107 15.25 -24.41 -48.62
C SER B 107 14.37 -25.64 -48.41
N ALA B 108 13.80 -25.80 -47.21
CA ALA B 108 12.96 -26.95 -46.92
C ALA B 108 11.64 -26.83 -47.66
N GLY B 109 11.20 -27.93 -48.27
CA GLY B 109 9.95 -27.97 -48.98
C GLY B 109 8.73 -28.26 -48.14
N ASN B 110 8.90 -28.52 -46.85
CA ASN B 110 7.75 -28.83 -46.00
C ASN B 110 6.96 -27.57 -45.68
N VAL B 111 5.74 -27.78 -45.18
CA VAL B 111 4.83 -26.68 -44.89
C VAL B 111 4.76 -26.35 -43.41
N ASP B 112 5.51 -27.05 -42.57
CA ASP B 112 5.48 -26.82 -41.13
C ASP B 112 6.61 -25.88 -40.73
N ILE B 113 6.26 -24.84 -39.96
CA ILE B 113 7.24 -23.83 -39.58
C ILE B 113 8.25 -24.38 -38.59
N TYR B 114 7.82 -25.22 -37.66
CA TYR B 114 8.69 -25.60 -36.55
C TYR B 114 9.83 -26.51 -36.99
N LYS B 115 9.65 -27.26 -38.07
CA LYS B 115 10.76 -28.01 -38.64
C LYS B 115 11.69 -27.11 -39.44
N LYS B 116 11.24 -25.91 -39.80
CA LYS B 116 12.07 -24.94 -40.52
C LYS B 116 12.92 -24.10 -39.58
N LEU B 117 12.64 -24.09 -38.29
CA LEU B 117 13.39 -23.29 -37.34
C LEU B 117 14.66 -24.00 -36.91
N TYR B 118 15.75 -23.25 -36.85
CA TYR B 118 17.00 -23.74 -36.29
C TYR B 118 17.71 -22.60 -35.58
N HIS B 119 18.58 -22.95 -34.65
CA HIS B 119 19.26 -21.96 -33.82
C HIS B 119 20.31 -21.20 -34.63
N SER B 120 20.43 -19.91 -34.34
CA SER B 120 21.45 -19.07 -34.94
C SER B 120 21.90 -18.04 -33.92
N ASP B 121 23.13 -17.55 -34.09
CA ASP B 121 23.67 -16.58 -33.15
C ASP B 121 22.95 -15.25 -33.23
N ALA B 122 22.68 -14.76 -34.43
CA ALA B 122 22.02 -13.48 -34.60
C ALA B 122 21.33 -13.44 -35.95
N CYS B 123 20.36 -12.53 -36.06
CA CYS B 123 19.66 -12.31 -37.32
C CYS B 123 20.36 -11.23 -38.14
N SER B 124 20.24 -11.34 -39.47
CA SER B 124 20.89 -10.38 -40.33
C SER B 124 20.21 -9.02 -40.28
N SER B 125 18.90 -8.98 -40.06
CA SER B 125 18.17 -7.73 -39.99
C SER B 125 18.21 -7.10 -38.60
N LYS B 126 18.84 -7.76 -37.63
CA LYS B 126 18.99 -7.24 -36.28
C LYS B 126 17.63 -6.92 -35.65
N ALA B 127 16.63 -7.76 -35.92
CA ALA B 127 15.29 -7.53 -35.43
C ALA B 127 14.64 -8.85 -35.06
N VAL B 128 13.67 -8.77 -34.15
CA VAL B 128 12.85 -9.91 -33.76
C VAL B 128 11.41 -9.58 -34.12
N VAL B 129 10.59 -10.62 -34.16
CA VAL B 129 9.23 -10.53 -34.69
C VAL B 129 8.27 -10.10 -33.58
N SER B 130 7.46 -9.09 -33.88
CA SER B 130 6.37 -8.68 -33.01
C SER B 130 5.07 -9.20 -33.61
N LEU B 131 4.46 -10.19 -32.97
CA LEU B 131 3.30 -10.88 -33.50
C LEU B 131 2.04 -10.42 -32.78
N ARG B 132 1.04 -10.01 -33.56
CA ARG B 132 -0.27 -9.65 -33.05
C ARG B 132 -1.31 -10.55 -33.72
N CYS B 133 -1.91 -11.45 -32.95
CA CYS B 133 -2.91 -12.35 -33.49
C CYS B 133 -4.32 -11.79 -33.43
N ILE B 134 -4.56 -10.73 -32.64
CA ILE B 134 -5.89 -10.15 -32.53
C ILE B 134 -5.73 -8.70 -32.09
N ALA B 135 -6.61 -7.85 -32.61
CA ALA B 135 -6.62 -6.43 -32.26
C ALA B 135 -7.31 -6.26 -30.91
N CYS B 136 -6.50 -6.13 -29.86
CA CYS B 136 -6.99 -6.06 -28.49
C CYS B 136 -6.30 -4.93 -27.74
N GLY B 137 -6.80 -4.66 -26.55
CA GLY B 137 -6.18 -3.67 -25.69
C GLY B 137 -6.37 -2.23 -26.10
N VAL B 138 -7.40 -1.93 -26.89
CA VAL B 138 -7.66 -0.57 -27.33
C VAL B 138 -9.13 -0.26 -27.10
N ASN B 139 -9.41 0.93 -26.57
CA ASN B 139 -10.77 1.37 -26.30
C ASN B 139 -10.91 2.84 -26.66
N LEU B 140 -12.15 3.31 -26.67
CA LEU B 140 -12.43 4.72 -26.91
C LEU B 140 -11.96 5.55 -25.72
N ASN B 141 -11.62 6.81 -26.01
CA ASN B 141 -11.07 7.69 -24.99
C ASN B 141 -12.15 8.07 -23.97
N SER B 142 -11.85 7.83 -22.70
CA SER B 142 -12.74 8.17 -21.60
C SER B 142 -11.98 8.97 -20.55
N SER B 143 -12.62 10.01 -20.03
CA SER B 143 -11.98 10.93 -19.09
C SER B 143 -12.25 10.57 -17.63
N ARG B 144 -13.51 10.56 -17.23
CA ARG B 144 -13.89 10.41 -15.83
C ARG B 144 -14.66 9.10 -15.66
N GLN B 145 -14.03 8.12 -15.01
CA GLN B 145 -14.66 6.83 -14.76
C GLN B 145 -14.11 6.29 -13.44
N SER B 146 -14.84 6.50 -12.34
CA SER B 146 -14.50 5.95 -11.04
C SER B 146 -15.76 5.46 -10.35
N ARG B 147 -16.62 4.74 -11.09
CA ARG B 147 -17.98 4.48 -10.66
C ARG B 147 -18.10 3.49 -9.51
N ILE B 148 -17.04 2.73 -9.20
CA ILE B 148 -17.06 1.89 -8.01
C ILE B 148 -16.92 2.82 -6.80
N VAL B 149 -17.18 2.29 -5.60
CA VAL B 149 -17.50 3.06 -4.41
C VAL B 149 -16.67 4.33 -4.27
N GLY B 150 -17.34 5.45 -4.04
CA GLY B 150 -16.68 6.74 -3.91
C GLY B 150 -16.20 7.32 -5.22
N GLY B 151 -17.13 7.65 -6.11
CA GLY B 151 -16.75 8.18 -7.40
C GLY B 151 -17.91 8.75 -8.17
N GLU B 152 -17.69 8.96 -9.46
CA GLU B 152 -18.64 9.59 -10.37
C GLU B 152 -19.04 8.61 -11.47
N SER B 153 -19.89 9.09 -12.38
CA SER B 153 -20.46 8.24 -13.41
C SER B 153 -19.42 7.90 -14.47
N ALA B 154 -19.76 6.93 -15.31
CA ALA B 154 -18.89 6.41 -16.35
C ALA B 154 -19.44 6.73 -17.73
N LEU B 155 -18.75 6.24 -18.76
CA LEU B 155 -19.12 6.46 -20.14
C LEU B 155 -19.01 5.15 -20.91
N PRO B 156 -19.83 4.96 -21.93
CA PRO B 156 -19.77 3.73 -22.72
C PRO B 156 -18.52 3.65 -23.58
N GLY B 157 -18.09 2.43 -23.86
CA GLY B 157 -17.01 2.17 -24.78
C GLY B 157 -15.63 2.08 -24.16
N ALA B 158 -15.45 2.48 -22.91
CA ALA B 158 -14.14 2.43 -22.28
C ALA B 158 -13.77 1.01 -21.86
N TRP B 159 -14.75 0.17 -21.58
CA TRP B 159 -14.52 -1.21 -21.16
C TRP B 159 -15.36 -2.13 -22.03
N PRO B 160 -14.95 -2.32 -23.30
CA PRO B 160 -15.74 -3.18 -24.19
C PRO B 160 -15.55 -4.67 -23.95
N TRP B 161 -14.48 -5.08 -23.29
CA TRP B 161 -14.31 -6.51 -23.02
C TRP B 161 -15.21 -6.98 -21.89
N GLN B 162 -15.65 -6.07 -21.03
CA GLN B 162 -16.47 -6.45 -19.89
C GLN B 162 -17.85 -6.91 -20.34
N VAL B 163 -18.25 -8.10 -19.90
CA VAL B 163 -19.56 -8.66 -20.19
C VAL B 163 -20.16 -9.18 -18.91
N SER B 164 -21.49 -9.36 -18.93
CA SER B 164 -22.23 -9.86 -17.78
C SER B 164 -22.79 -11.24 -18.10
N LEU B 165 -22.73 -12.14 -17.13
CA LEU B 165 -23.24 -13.49 -17.26
C LEU B 165 -24.46 -13.66 -16.37
N HIS B 166 -25.54 -14.19 -16.93
CA HIS B 166 -26.82 -14.28 -16.24
C HIS B 166 -27.29 -15.71 -16.13
N VAL B 167 -27.92 -16.02 -14.99
CA VAL B 167 -28.65 -17.26 -14.78
C VAL B 167 -30.09 -16.90 -14.47
N GLN B 168 -31.02 -17.46 -15.23
CA GLN B 168 -32.44 -17.09 -15.14
C GLN B 168 -32.63 -15.59 -15.33
N ASN B 169 -31.87 -15.02 -16.27
CA ASN B 169 -31.97 -13.63 -16.69
C ASN B 169 -31.72 -12.65 -15.55
N VAL B 170 -30.96 -13.05 -14.54
CA VAL B 170 -30.51 -12.15 -13.49
C VAL B 170 -29.00 -12.28 -13.35
N HIS B 171 -28.36 -11.21 -12.94
CA HIS B 171 -26.90 -11.19 -12.88
C HIS B 171 -26.40 -12.03 -11.71
N VAL B 172 -25.32 -12.76 -11.96
CA VAL B 172 -24.63 -13.56 -10.94
C VAL B 172 -23.15 -13.19 -10.86
N CYS B 173 -22.44 -13.27 -11.97
CA CYS B 173 -21.03 -12.92 -12.01
C CYS B 173 -20.72 -12.24 -13.33
N GLY B 174 -19.66 -11.43 -13.32
CA GLY B 174 -19.22 -10.72 -14.50
C GLY B 174 -18.35 -11.58 -15.39
N GLY B 175 -17.84 -10.96 -16.44
CA GLY B 175 -16.99 -11.67 -17.38
C GLY B 175 -16.22 -10.72 -18.27
N SER B 176 -15.11 -11.22 -18.79
CA SER B 176 -14.27 -10.49 -19.73
C SER B 176 -13.92 -11.40 -20.90
N ILE B 177 -13.78 -10.79 -22.08
CA ILE B 177 -13.55 -11.55 -23.30
C ILE B 177 -12.10 -11.36 -23.75
N ILE B 178 -11.56 -12.41 -24.36
CA ILE B 178 -10.24 -12.34 -24.98
C ILE B 178 -10.27 -12.71 -26.45
N THR B 179 -11.26 -13.46 -26.91
CA THR B 179 -11.46 -13.85 -28.30
C THR B 179 -12.95 -13.68 -28.60
N PRO B 180 -13.35 -13.68 -29.88
CA PRO B 180 -14.79 -13.59 -30.18
C PRO B 180 -15.61 -14.73 -29.62
N GLU B 181 -15.00 -15.86 -29.27
CA GLU B 181 -15.75 -17.05 -28.87
C GLU B 181 -15.62 -17.41 -27.39
N TRP B 182 -14.69 -16.81 -26.65
CA TRP B 182 -14.40 -17.24 -25.29
C TRP B 182 -14.60 -16.11 -24.30
N ILE B 183 -15.12 -16.45 -23.12
CA ILE B 183 -15.29 -15.52 -22.02
C ILE B 183 -14.72 -16.16 -20.76
N VAL B 184 -13.90 -15.41 -20.04
CA VAL B 184 -13.25 -15.89 -18.82
C VAL B 184 -13.93 -15.27 -17.62
N THR B 185 -14.02 -16.04 -16.53
CA THR B 185 -14.65 -15.61 -15.30
C THR B 185 -14.17 -16.52 -14.17
N ALA B 186 -14.82 -16.41 -13.01
CA ALA B 186 -14.43 -17.17 -11.83
C ALA B 186 -15.16 -18.50 -11.76
N ALA B 187 -14.48 -19.50 -11.20
CA ALA B 187 -15.04 -20.84 -11.13
C ALA B 187 -16.12 -20.97 -10.05
N HIS B 188 -16.04 -20.18 -8.99
CA HIS B 188 -17.03 -20.28 -7.92
C HIS B 188 -18.43 -19.89 -8.40
N CYS B 189 -18.53 -19.11 -9.47
CA CYS B 189 -19.84 -18.83 -10.04
C CYS B 189 -20.38 -20.01 -10.83
N VAL B 190 -19.51 -20.83 -11.39
CA VAL B 190 -19.91 -21.99 -12.18
C VAL B 190 -19.87 -23.28 -11.35
N GLU B 191 -19.76 -23.17 -10.04
CA GLU B 191 -19.69 -24.34 -9.18
C GLU B 191 -21.00 -25.12 -9.24
N LYS B 192 -20.94 -26.38 -8.80
CA LYS B 192 -22.11 -27.24 -8.84
C LYS B 192 -23.21 -26.69 -7.95
N PRO B 193 -24.49 -26.84 -8.34
CA PRO B 193 -24.99 -27.51 -9.54
C PRO B 193 -25.12 -26.59 -10.74
N LEU B 194 -24.37 -25.48 -10.79
CA LEU B 194 -24.40 -24.56 -11.92
C LEU B 194 -23.31 -24.86 -12.94
N ASN B 195 -22.93 -26.13 -13.09
CA ASN B 195 -21.92 -26.55 -14.05
C ASN B 195 -22.52 -26.88 -15.41
N ASN B 196 -23.76 -26.51 -15.66
CA ASN B 196 -24.42 -26.79 -16.94
C ASN B 196 -24.46 -25.53 -17.78
N PRO B 197 -23.94 -25.56 -19.01
CA PRO B 197 -23.94 -24.36 -19.86
C PRO B 197 -25.33 -23.89 -20.26
N TRP B 198 -26.36 -24.73 -20.14
CA TRP B 198 -27.69 -24.32 -20.55
C TRP B 198 -28.23 -23.18 -19.69
N HIS B 199 -27.86 -23.14 -18.42
CA HIS B 199 -28.38 -22.12 -17.51
C HIS B 199 -27.72 -20.76 -17.74
N TRP B 200 -26.50 -20.73 -18.23
CA TRP B 200 -25.76 -19.49 -18.37
C TRP B 200 -26.18 -18.73 -19.63
N THR B 201 -26.20 -17.41 -19.52
CA THR B 201 -26.51 -16.54 -20.64
C THR B 201 -25.71 -15.25 -20.48
N ALA B 202 -24.94 -14.91 -21.51
CA ALA B 202 -24.04 -13.77 -21.47
C ALA B 202 -24.59 -12.63 -22.32
N PHE B 203 -24.36 -11.40 -21.84
CA PHE B 203 -24.73 -10.19 -22.56
C PHE B 203 -23.48 -9.34 -22.73
N ALA B 204 -23.29 -8.81 -23.93
CA ALA B 204 -22.07 -8.10 -24.30
C ALA B 204 -22.39 -6.71 -24.81
N GLY B 205 -21.70 -5.71 -24.27
CA GLY B 205 -21.78 -4.36 -24.80
C GLY B 205 -22.93 -3.52 -24.33
N ILE B 206 -23.63 -3.93 -23.27
CA ILE B 206 -24.75 -3.18 -22.73
C ILE B 206 -24.36 -2.63 -21.36
N LEU B 207 -24.50 -1.32 -21.18
CA LEU B 207 -24.13 -0.70 -19.92
C LEU B 207 -25.24 -0.84 -18.88
N ARG B 208 -26.48 -0.62 -19.28
CA ARG B 208 -27.62 -0.64 -18.35
C ARG B 208 -28.12 -2.07 -18.19
N GLN B 209 -28.27 -2.49 -16.93
CA GLN B 209 -28.81 -3.81 -16.66
C GLN B 209 -30.30 -3.91 -16.96
N SER B 210 -30.99 -2.79 -17.16
CA SER B 210 -32.38 -2.82 -17.56
C SER B 210 -32.57 -2.96 -19.06
N PHE B 211 -31.49 -3.00 -19.83
CA PHE B 211 -31.56 -3.13 -21.27
C PHE B 211 -31.10 -4.49 -21.79
N MET B 212 -30.43 -5.29 -20.96
CA MET B 212 -29.98 -6.62 -21.39
C MET B 212 -31.06 -7.68 -21.18
N PHE B 213 -32.25 -7.43 -21.73
CA PHE B 213 -33.39 -8.30 -21.56
C PHE B 213 -33.89 -8.88 -22.87
N TYR B 214 -34.06 -8.06 -23.90
CA TYR B 214 -34.74 -8.46 -25.13
C TYR B 214 -33.72 -8.82 -26.20
N GLY B 215 -33.40 -10.11 -26.30
CA GLY B 215 -32.65 -10.62 -27.43
C GLY B 215 -31.18 -10.28 -27.47
N ALA B 216 -30.62 -9.76 -26.38
CA ALA B 216 -29.21 -9.40 -26.35
C ALA B 216 -28.32 -10.51 -25.82
N GLY B 217 -28.88 -11.69 -25.55
CA GLY B 217 -28.11 -12.74 -24.90
C GLY B 217 -27.21 -13.49 -25.86
N TYR B 218 -26.11 -14.00 -25.31
CA TYR B 218 -25.18 -14.88 -26.00
C TYR B 218 -25.01 -16.13 -25.16
N GLN B 219 -25.63 -17.22 -25.58
CA GLN B 219 -25.65 -18.44 -24.78
C GLN B 219 -24.27 -19.11 -24.77
N VAL B 220 -23.94 -19.72 -23.64
CA VAL B 220 -22.69 -20.44 -23.47
C VAL B 220 -22.91 -21.89 -23.86
N GLU B 221 -22.08 -22.39 -24.78
CA GLU B 221 -22.25 -23.76 -25.27
C GLU B 221 -21.61 -24.79 -24.36
N LYS B 222 -20.54 -24.42 -23.65
CA LYS B 222 -19.84 -25.35 -22.77
C LYS B 222 -19.03 -24.56 -21.76
N VAL B 223 -19.13 -24.94 -20.50
CA VAL B 223 -18.39 -24.29 -19.43
C VAL B 223 -17.11 -25.07 -19.16
N ILE B 224 -16.04 -24.35 -18.87
CA ILE B 224 -14.74 -24.95 -18.59
C ILE B 224 -14.31 -24.55 -17.19
N SER B 225 -13.92 -25.52 -16.38
CA SER B 225 -13.49 -25.31 -15.01
C SER B 225 -12.08 -25.83 -14.82
N HIS B 226 -11.38 -25.26 -13.85
CA HIS B 226 -10.01 -25.67 -13.58
C HIS B 226 -10.01 -27.06 -12.95
N PRO B 227 -9.20 -27.99 -13.47
CA PRO B 227 -9.18 -29.34 -12.89
C PRO B 227 -8.74 -29.39 -11.44
N ASN B 228 -7.80 -28.53 -11.04
CA ASN B 228 -7.28 -28.52 -9.68
C ASN B 228 -7.93 -27.44 -8.83
N TYR B 229 -9.13 -27.00 -9.20
CA TYR B 229 -9.82 -25.99 -8.41
C TYR B 229 -10.35 -26.58 -7.12
N ASP B 230 -10.04 -25.93 -6.00
CA ASP B 230 -10.45 -26.38 -4.69
C ASP B 230 -11.25 -25.27 -4.02
N SER B 231 -12.44 -25.62 -3.51
CA SER B 231 -13.34 -24.64 -2.94
C SER B 231 -13.07 -24.32 -1.48
N LYS B 232 -12.26 -25.13 -0.80
CA LYS B 232 -11.99 -24.86 0.61
C LYS B 232 -11.11 -23.61 0.77
N THR B 233 -10.04 -23.52 -0.01
CA THR B 233 -9.18 -22.35 -0.03
C THR B 233 -9.48 -21.44 -1.20
N LYS B 234 -10.42 -21.81 -2.08
CA LYS B 234 -10.84 -21.00 -3.22
C LYS B 234 -9.64 -20.62 -4.10
N ASN B 235 -8.67 -21.51 -4.21
CA ASN B 235 -7.51 -21.31 -5.06
C ASN B 235 -7.73 -21.97 -6.41
N ASN B 236 -6.91 -21.56 -7.38
CA ASN B 236 -7.06 -21.99 -8.77
C ASN B 236 -8.46 -21.69 -9.28
N ASP B 237 -8.96 -20.50 -8.97
CA ASP B 237 -10.32 -20.08 -9.29
C ASP B 237 -10.30 -19.43 -10.67
N ILE B 238 -10.55 -20.23 -11.70
CA ILE B 238 -10.66 -19.75 -13.07
C ILE B 238 -11.73 -20.54 -13.79
N ALA B 239 -12.38 -19.89 -14.75
CA ALA B 239 -13.46 -20.50 -15.51
C ALA B 239 -13.53 -19.87 -16.89
N LEU B 240 -13.91 -20.66 -17.88
CA LEU B 240 -13.93 -20.23 -19.28
C LEU B 240 -15.27 -20.58 -19.89
N MET B 241 -16.05 -19.57 -20.25
CA MET B 241 -17.30 -19.77 -20.95
C MET B 241 -17.10 -19.56 -22.45
N LYS B 242 -17.61 -20.49 -23.24
CA LYS B 242 -17.49 -20.44 -24.70
C LYS B 242 -18.86 -20.33 -25.32
N LEU B 243 -19.01 -19.39 -26.24
CA LEU B 243 -20.27 -19.14 -26.92
C LEU B 243 -20.34 -19.92 -28.23
N GLN B 244 -21.57 -20.18 -28.67
CA GLN B 244 -21.77 -20.80 -29.98
C GLN B 244 -21.40 -19.83 -31.09
N LYS B 245 -21.89 -18.60 -31.02
CA LYS B 245 -21.68 -17.60 -32.05
C LYS B 245 -20.53 -16.68 -31.67
N PRO B 246 -19.51 -16.56 -32.52
CA PRO B 246 -18.42 -15.62 -32.23
C PRO B 246 -18.94 -14.19 -32.17
N LEU B 247 -18.37 -13.42 -31.25
CA LEU B 247 -18.79 -12.04 -31.07
C LEU B 247 -18.34 -11.20 -32.26
N THR B 248 -19.27 -10.44 -32.83
CA THR B 248 -18.94 -9.52 -33.91
C THR B 248 -18.37 -8.23 -33.31
N PHE B 249 -17.12 -7.92 -33.66
CA PHE B 249 -16.41 -6.83 -33.02
C PHE B 249 -16.78 -5.50 -33.66
N ASN B 250 -17.00 -4.50 -32.82
CA ASN B 250 -17.22 -3.13 -33.26
C ASN B 250 -16.64 -2.21 -32.19
N ASP B 251 -17.06 -0.94 -32.19
CA ASP B 251 -16.54 0.00 -31.21
C ASP B 251 -16.98 -0.37 -29.79
N LEU B 252 -18.17 -0.93 -29.63
CA LEU B 252 -18.72 -1.20 -28.32
C LEU B 252 -18.26 -2.54 -27.72
N VAL B 253 -17.68 -3.42 -28.53
CA VAL B 253 -17.18 -4.70 -28.03
C VAL B 253 -15.82 -4.99 -28.67
N LYS B 254 -14.79 -5.07 -27.84
CA LYS B 254 -13.43 -5.36 -28.26
C LYS B 254 -12.77 -6.25 -27.22
N PRO B 255 -11.84 -7.09 -27.62
CA PRO B 255 -11.17 -7.98 -26.67
C PRO B 255 -10.01 -7.28 -25.99
N VAL B 256 -9.44 -7.97 -25.01
CA VAL B 256 -8.28 -7.49 -24.27
C VAL B 256 -7.18 -8.54 -24.38
N CYS B 257 -5.96 -8.08 -24.64
CA CYS B 257 -4.84 -8.99 -24.86
C CYS B 257 -4.47 -9.74 -23.59
N LEU B 258 -4.19 -11.02 -23.73
CA LEU B 258 -3.75 -11.82 -22.60
C LEU B 258 -2.31 -11.47 -22.24
N PRO B 259 -2.02 -11.15 -20.98
CA PRO B 259 -0.66 -10.76 -20.61
C PRO B 259 0.33 -11.92 -20.75
N ASN B 260 1.57 -11.57 -21.02
CA ASN B 260 2.69 -12.45 -21.26
C ASN B 260 3.62 -12.52 -20.06
N PRO B 261 4.30 -13.65 -19.87
CA PRO B 261 5.36 -13.70 -18.85
C PRO B 261 6.53 -12.82 -19.25
N GLY B 262 7.12 -12.16 -18.26
CA GLY B 262 8.30 -11.34 -18.47
C GLY B 262 8.09 -9.85 -18.39
N MET B 263 6.94 -9.39 -17.91
CA MET B 263 6.74 -7.97 -17.70
C MET B 263 7.04 -7.62 -16.24
N MET B 264 7.86 -6.58 -16.04
CA MET B 264 8.19 -6.11 -14.70
C MET B 264 7.03 -5.31 -14.14
N LEU B 265 6.05 -6.02 -13.60
CA LEU B 265 4.90 -5.37 -12.98
C LEU B 265 5.34 -4.70 -11.68
N GLN B 266 5.49 -3.38 -11.73
CA GLN B 266 5.97 -2.64 -10.57
C GLN B 266 4.91 -2.62 -9.47
N PRO B 267 5.34 -2.49 -8.22
CA PRO B 267 4.38 -2.30 -7.13
C PRO B 267 3.67 -0.97 -7.25
N GLU B 268 2.47 -0.90 -6.67
CA GLU B 268 1.62 0.29 -6.61
C GLU B 268 1.05 0.65 -7.97
N GLN B 269 1.33 -0.12 -9.02
CA GLN B 269 0.96 0.24 -10.38
C GLN B 269 -0.54 0.48 -10.51
N LEU B 270 -0.89 1.61 -11.13
CA LEU B 270 -2.27 2.03 -11.26
C LEU B 270 -3.03 1.07 -12.17
N CYS B 271 -3.97 0.33 -11.59
CA CYS B 271 -4.79 -0.62 -12.32
C CYS B 271 -6.25 -0.20 -12.26
N TRP B 272 -7.06 -0.83 -13.10
CA TRP B 272 -8.49 -0.56 -13.19
C TRP B 272 -9.26 -1.84 -12.94
N ILE B 273 -10.31 -1.74 -12.13
CA ILE B 273 -11.24 -2.84 -11.92
C ILE B 273 -12.61 -2.40 -12.40
N SER B 274 -13.43 -3.39 -12.76
CA SER B 274 -14.75 -3.10 -13.31
C SER B 274 -15.71 -4.22 -12.93
N GLY B 275 -17.00 -3.91 -13.02
CA GLY B 275 -18.03 -4.89 -12.72
C GLY B 275 -19.31 -4.21 -12.31
N TRP B 276 -20.36 -5.03 -12.20
CA TRP B 276 -21.68 -4.57 -11.77
C TRP B 276 -21.91 -4.77 -10.28
N GLY B 277 -20.85 -4.68 -9.48
CA GLY B 277 -20.96 -4.97 -8.07
C GLY B 277 -21.70 -3.91 -7.30
N ALA B 278 -21.98 -4.23 -6.04
CA ALA B 278 -22.73 -3.33 -5.17
C ALA B 278 -21.86 -2.17 -4.71
N THR B 279 -22.52 -1.07 -4.34
CA THR B 279 -21.83 0.08 -3.80
C THR B 279 -21.49 -0.06 -2.32
N GLU B 280 -21.97 -1.12 -1.68
CA GLU B 280 -21.68 -1.37 -0.27
C GLU B 280 -21.86 -2.87 -0.02
N GLU B 281 -21.35 -3.32 1.12
CA GLU B 281 -21.45 -4.73 1.46
C GLU B 281 -22.91 -5.11 1.72
N LYS B 282 -23.24 -6.34 1.35
CA LYS B 282 -24.57 -6.95 1.44
C LYS B 282 -25.64 -6.17 0.68
N GLY B 283 -25.23 -5.19 -0.14
CA GLY B 283 -26.19 -4.41 -0.89
C GLY B 283 -26.52 -5.00 -2.26
N LYS B 284 -27.52 -4.41 -2.89
CA LYS B 284 -27.96 -4.87 -4.20
C LYS B 284 -26.95 -4.46 -5.28
N THR B 285 -26.94 -5.23 -6.37
CA THR B 285 -26.02 -4.96 -7.47
C THR B 285 -26.37 -3.64 -8.15
N SER B 286 -25.37 -3.03 -8.75
CA SER B 286 -25.54 -1.72 -9.39
C SER B 286 -26.33 -1.86 -10.69
N GLU B 287 -27.18 -0.86 -10.95
CA GLU B 287 -27.93 -0.83 -12.20
C GLU B 287 -27.00 -0.68 -13.40
N VAL B 288 -25.96 0.14 -13.28
CA VAL B 288 -25.05 0.45 -14.37
C VAL B 288 -23.68 -0.09 -14.04
N LEU B 289 -22.93 -0.44 -15.08
CA LEU B 289 -21.57 -0.96 -14.91
C LEU B 289 -20.70 0.06 -14.21
N ASN B 290 -19.92 -0.41 -13.25
CA ASN B 290 -19.04 0.43 -12.44
C ASN B 290 -17.59 0.07 -12.70
N ALA B 291 -16.72 1.08 -12.71
CA ALA B 291 -15.30 0.86 -12.93
C ALA B 291 -14.52 2.00 -12.29
N ALA B 292 -13.53 1.64 -11.46
CA ALA B 292 -12.75 2.62 -10.73
C ALA B 292 -11.31 2.14 -10.61
N LYS B 293 -10.43 3.09 -10.28
CA LYS B 293 -9.01 2.81 -10.20
C LYS B 293 -8.64 2.23 -8.84
N VAL B 294 -7.77 1.23 -8.86
CA VAL B 294 -7.19 0.64 -7.67
C VAL B 294 -5.69 0.46 -7.88
N LEU B 295 -5.01 -0.06 -6.86
CA LEU B 295 -3.57 -0.24 -6.89
C LEU B 295 -3.21 -1.67 -6.56
N LEU B 296 -2.07 -2.11 -7.08
CA LEU B 296 -1.56 -3.45 -6.79
C LEU B 296 -1.11 -3.55 -5.34
N ILE B 297 -1.22 -4.76 -4.80
CA ILE B 297 -0.66 -5.11 -3.50
C ILE B 297 0.24 -6.31 -3.68
N GLU B 298 1.47 -6.21 -3.19
CA GLU B 298 2.44 -7.28 -3.39
C GLU B 298 2.04 -8.53 -2.64
N THR B 299 2.29 -9.69 -3.25
CA THR B 299 1.81 -10.95 -2.69
C THR B 299 2.50 -11.27 -1.37
N GLN B 300 3.82 -11.05 -1.29
CA GLN B 300 4.52 -11.27 -0.03
C GLN B 300 4.06 -10.31 1.06
N ARG B 301 3.53 -9.15 0.67
CA ARG B 301 2.90 -8.25 1.61
C ARG B 301 1.55 -8.78 2.07
N CYS B 302 0.87 -9.53 1.21
CA CYS B 302 -0.49 -9.98 1.50
C CYS B 302 -0.54 -11.32 2.21
N ASN B 303 0.41 -12.22 1.94
CA ASN B 303 0.37 -13.55 2.52
C ASN B 303 1.02 -13.62 3.90
N SER B 304 1.33 -12.48 4.51
CA SER B 304 1.90 -12.48 5.85
C SER B 304 0.84 -12.88 6.87
N ARG B 305 1.29 -13.05 8.11
CA ARG B 305 0.37 -13.40 9.19
C ARG B 305 -0.65 -12.30 9.44
N TYR B 306 -0.42 -11.11 8.91
CA TYR B 306 -1.18 -9.91 9.22
C TYR B 306 -2.39 -9.73 8.32
N VAL B 307 -2.20 -9.85 7.00
CA VAL B 307 -3.26 -9.48 6.07
C VAL B 307 -4.27 -10.61 5.89
N TYR B 308 -3.78 -11.82 5.62
CA TYR B 308 -4.69 -12.95 5.46
C TYR B 308 -4.16 -14.24 6.10
N ASP B 309 -3.02 -14.19 6.77
CA ASP B 309 -2.43 -15.35 7.44
C ASP B 309 -2.18 -16.51 6.47
N ASN B 310 -1.28 -16.23 5.52
CA ASN B 310 -0.79 -17.23 4.58
C ASN B 310 -1.91 -17.83 3.73
N LEU B 311 -2.96 -17.05 3.50
CA LEU B 311 -4.10 -17.50 2.71
C LEU B 311 -3.90 -17.34 1.22
N ILE B 312 -2.92 -16.54 0.80
CA ILE B 312 -2.73 -16.20 -0.61
C ILE B 312 -1.80 -17.23 -1.22
N THR B 313 -2.32 -18.03 -2.13
CA THR B 313 -1.54 -18.93 -2.94
C THR B 313 -0.80 -18.13 -4.02
N PRO B 314 0.31 -18.68 -4.56
CA PRO B 314 0.98 -17.99 -5.67
C PRO B 314 0.09 -17.74 -6.87
N ALA B 315 -1.02 -18.46 -7.00
CA ALA B 315 -1.99 -18.23 -8.07
C ALA B 315 -3.06 -17.22 -7.67
N MET B 316 -2.75 -16.33 -6.72
CA MET B 316 -3.71 -15.36 -6.24
C MET B 316 -3.06 -13.98 -6.18
N ILE B 317 -3.86 -12.95 -6.38
CA ILE B 317 -3.39 -11.57 -6.43
C ILE B 317 -4.21 -10.73 -5.46
N CYS B 318 -3.54 -9.90 -4.68
CA CYS B 318 -4.18 -8.91 -3.83
C CYS B 318 -4.08 -7.55 -4.49
N ALA B 319 -5.21 -6.87 -4.65
CA ALA B 319 -5.25 -5.57 -5.30
C ALA B 319 -6.20 -4.65 -4.56
N GLY B 320 -5.97 -3.34 -4.69
CA GLY B 320 -6.79 -2.34 -4.06
C GLY B 320 -5.99 -1.49 -3.08
N PHE B 321 -6.70 -0.94 -2.12
CA PHE B 321 -6.11 -0.10 -1.08
C PHE B 321 -6.27 -0.76 0.28
N LEU B 322 -5.20 -0.73 1.07
CA LEU B 322 -5.30 -1.20 2.45
C LEU B 322 -6.16 -0.26 3.29
N GLN B 323 -6.24 1.02 2.91
CA GLN B 323 -7.12 1.97 3.58
C GLN B 323 -8.58 1.79 3.17
N GLY B 324 -8.86 1.04 2.12
CA GLY B 324 -10.21 0.73 1.75
C GLY B 324 -10.89 1.82 0.95
N ASN B 325 -12.23 1.72 0.92
CA ASN B 325 -13.14 2.67 0.28
C ASN B 325 -13.09 2.59 -1.24
N VAL B 326 -12.15 1.82 -1.79
CA VAL B 326 -12.13 1.50 -3.21
C VAL B 326 -11.82 0.02 -3.35
N ASP B 327 -12.86 -0.80 -3.49
CA ASP B 327 -12.66 -2.24 -3.52
C ASP B 327 -13.82 -2.90 -4.24
N SER B 328 -13.63 -4.16 -4.59
CA SER B 328 -14.67 -4.95 -5.23
C SER B 328 -15.71 -5.36 -4.20
N CYS B 329 -16.84 -5.86 -4.71
CA CYS B 329 -17.97 -6.25 -3.88
C CYS B 329 -18.61 -7.48 -4.50
N GLN B 330 -19.71 -7.94 -3.91
CA GLN B 330 -20.48 -9.01 -4.53
C GLN B 330 -21.10 -8.51 -5.84
N GLY B 331 -21.00 -9.33 -6.88
CA GLY B 331 -21.37 -8.93 -8.22
C GLY B 331 -20.22 -8.43 -9.05
N ASP B 332 -19.13 -8.02 -8.42
CA ASP B 332 -17.90 -7.68 -9.13
C ASP B 332 -17.09 -8.91 -9.52
N ALA B 333 -17.49 -10.08 -9.04
CA ALA B 333 -16.79 -11.32 -9.38
C ALA B 333 -16.89 -11.58 -10.88
N GLY B 334 -15.79 -12.07 -11.45
CA GLY B 334 -15.68 -12.26 -12.88
C GLY B 334 -15.23 -11.04 -13.63
N GLY B 335 -15.07 -9.91 -12.97
CA GLY B 335 -14.63 -8.70 -13.61
C GLY B 335 -13.16 -8.72 -13.91
N PRO B 336 -12.73 -7.79 -14.76
CA PRO B 336 -11.32 -7.73 -15.18
C PRO B 336 -10.48 -6.81 -14.31
N LEU B 337 -9.23 -7.23 -14.09
CA LEU B 337 -8.21 -6.40 -13.47
C LEU B 337 -7.25 -5.98 -14.58
N VAL B 338 -7.37 -4.73 -15.01
CA VAL B 338 -6.67 -4.27 -16.20
C VAL B 338 -5.76 -3.09 -15.85
N THR B 339 -4.66 -2.98 -16.58
CA THR B 339 -3.72 -1.89 -16.46
C THR B 339 -3.32 -1.41 -17.84
N SER B 340 -2.87 -0.16 -17.90
CA SER B 340 -2.46 0.47 -19.15
C SER B 340 -0.94 0.44 -19.26
N LYS B 341 -0.44 -0.08 -20.37
CA LYS B 341 0.99 -0.15 -20.61
C LYS B 341 1.22 -0.19 -22.12
N ASN B 342 1.94 0.80 -22.63
CA ASN B 342 2.18 0.94 -24.07
C ASN B 342 0.86 0.96 -24.84
N ASN B 343 -0.12 1.66 -24.28
CA ASN B 343 -1.46 1.84 -24.87
C ASN B 343 -2.16 0.51 -25.12
N ILE B 344 -1.81 -0.53 -24.37
CA ILE B 344 -2.41 -1.85 -24.49
C ILE B 344 -2.85 -2.31 -23.11
N TRP B 345 -4.09 -2.77 -23.01
CA TRP B 345 -4.65 -3.24 -21.75
C TRP B 345 -4.32 -4.71 -21.55
N TRP B 346 -4.08 -5.09 -20.29
CA TRP B 346 -3.67 -6.44 -19.94
C TRP B 346 -4.56 -6.98 -18.84
N LEU B 347 -5.12 -8.17 -19.06
CA LEU B 347 -6.03 -8.81 -18.10
C LEU B 347 -5.20 -9.67 -17.16
N ILE B 348 -4.74 -9.07 -16.07
CA ILE B 348 -3.82 -9.74 -15.15
C ILE B 348 -4.54 -10.44 -14.01
N GLY B 349 -5.74 -10.01 -13.64
CA GLY B 349 -6.43 -10.62 -12.53
C GLY B 349 -7.91 -10.80 -12.81
N ASP B 350 -8.50 -11.74 -12.09
CA ASP B 350 -9.92 -12.01 -12.13
C ASP B 350 -10.46 -11.99 -10.72
N THR B 351 -11.58 -11.28 -10.52
CA THR B 351 -12.15 -11.11 -9.19
C THR B 351 -12.67 -12.44 -8.66
N SER B 352 -11.95 -13.02 -7.70
CA SER B 352 -12.32 -14.30 -7.12
C SER B 352 -13.26 -14.13 -5.92
N TRP B 353 -12.82 -13.40 -4.91
CA TRP B 353 -13.63 -13.17 -3.73
C TRP B 353 -13.15 -11.91 -3.02
N GLY B 354 -14.00 -11.37 -2.16
CA GLY B 354 -13.65 -10.19 -1.40
C GLY B 354 -14.22 -10.18 0.00
N SER B 355 -13.35 -10.03 1.00
CA SER B 355 -13.77 -9.96 2.39
C SER B 355 -14.30 -8.55 2.64
N GLY B 356 -15.61 -8.38 2.50
CA GLY B 356 -16.23 -7.09 2.68
C GLY B 356 -16.09 -6.22 1.44
N CYS B 357 -16.72 -5.06 1.52
CA CYS B 357 -16.71 -4.09 0.43
C CYS B 357 -16.29 -2.73 0.96
N ALA B 358 -15.32 -2.11 0.29
CA ALA B 358 -14.86 -0.76 0.63
C ALA B 358 -14.44 -0.66 2.09
N LYS B 359 -13.68 -1.65 2.56
CA LYS B 359 -13.28 -1.73 3.96
C LYS B 359 -11.77 -1.82 4.08
N ALA B 360 -11.24 -1.25 5.16
CA ALA B 360 -9.81 -1.25 5.40
C ALA B 360 -9.36 -2.60 5.96
N TYR B 361 -8.08 -2.92 5.72
CA TYR B 361 -7.38 -4.12 6.15
C TYR B 361 -7.89 -5.38 5.47
N ARG B 362 -8.95 -5.30 4.66
CA ARG B 362 -9.53 -6.45 3.98
C ARG B 362 -9.80 -6.09 2.52
N PRO B 363 -8.76 -5.95 1.72
CA PRO B 363 -8.93 -5.49 0.34
C PRO B 363 -9.47 -6.59 -0.57
N GLY B 364 -9.65 -6.24 -1.83
CA GLY B 364 -10.11 -7.21 -2.80
C GLY B 364 -9.03 -8.22 -3.14
N VAL B 365 -9.45 -9.48 -3.28
CA VAL B 365 -8.55 -10.59 -3.56
C VAL B 365 -8.90 -11.15 -4.94
N TYR B 366 -7.89 -11.25 -5.79
CA TYR B 366 -8.09 -11.56 -7.20
C TYR B 366 -7.29 -12.79 -7.60
N GLY B 367 -7.82 -13.54 -8.56
CA GLY B 367 -7.11 -14.71 -9.07
C GLY B 367 -6.10 -14.33 -10.13
N ASN B 368 -4.93 -14.98 -10.05
CA ASN B 368 -3.82 -14.65 -10.94
C ASN B 368 -4.05 -15.32 -12.29
N VAL B 369 -4.35 -14.50 -13.30
CA VAL B 369 -4.47 -15.00 -14.66
C VAL B 369 -3.11 -15.43 -15.20
N MET B 370 -2.04 -14.73 -14.81
CA MET B 370 -0.73 -14.97 -15.40
C MET B 370 -0.27 -16.41 -15.21
N VAL B 371 -0.65 -17.03 -14.09
CA VAL B 371 -0.31 -18.42 -13.87
C VAL B 371 -1.08 -19.33 -14.84
N PHE B 372 -2.29 -18.92 -15.23
CA PHE B 372 -3.17 -19.76 -16.03
C PHE B 372 -3.22 -19.35 -17.50
N THR B 373 -2.28 -18.51 -17.93
CA THR B 373 -2.23 -18.11 -19.34
C THR B 373 -2.03 -19.31 -20.25
N ASP B 374 -1.13 -20.22 -19.86
CA ASP B 374 -0.90 -21.41 -20.68
C ASP B 374 -2.07 -22.39 -20.62
N TRP B 375 -2.73 -22.49 -19.46
CA TRP B 375 -3.90 -23.35 -19.35
C TRP B 375 -5.03 -22.87 -20.24
N ILE B 376 -5.20 -21.56 -20.37
CA ILE B 376 -6.21 -21.03 -21.27
C ILE B 376 -5.92 -21.46 -22.71
N TYR B 377 -4.66 -21.38 -23.13
CA TYR B 377 -4.30 -21.82 -24.47
C TYR B 377 -4.50 -23.32 -24.65
N ARG B 378 -4.22 -24.10 -23.60
CA ARG B 378 -4.44 -25.53 -23.66
C ARG B 378 -5.91 -25.86 -23.90
N GLN B 379 -6.81 -25.13 -23.26
CA GLN B 379 -8.23 -25.34 -23.53
C GLN B 379 -8.66 -24.73 -24.85
N MET B 380 -7.97 -23.69 -25.31
CA MET B 380 -8.33 -23.05 -26.58
C MET B 380 -8.05 -23.96 -27.77
N ARG B 381 -6.87 -24.58 -27.79
CA ARG B 381 -6.49 -25.37 -28.95
C ARG B 381 -7.34 -26.64 -29.08
N ALA B 382 -7.61 -27.31 -27.95
CA ALA B 382 -8.34 -28.56 -28.00
C ALA B 382 -9.83 -28.35 -28.24
N ASP B 383 -10.32 -27.11 -28.16
CA ASP B 383 -11.72 -26.79 -28.33
C ASP B 383 -11.85 -25.72 -29.44
N GLY B 384 -11.19 -25.99 -30.56
CA GLY B 384 -11.20 -25.08 -31.68
C GLY B 384 -12.01 -25.60 -32.85
#